data_8R8D
#
_entry.id   8R8D
#
loop_
_entity.id
_entity.type
_entity.pdbx_description
1 polymer 'Coagulation factor XII'
2 polymer 'Garadacimab heavy chain variable region'
3 polymer 'Garadacimab light chain variable region'
4 branched alpha-D-mannopyranose-(1-3)-[alpha-D-mannopyranose-(1-6)]beta-D-mannopyranose-(1-4)-2-acetamido-2-deoxy-beta-D-glucopyranose-(1-4)-[alpha-L-fucopyranose-(1-6)]2-acetamido-2-deoxy-beta-D-glucopyranose
5 water water
#
loop_
_entity_poly.entity_id
_entity_poly.type
_entity_poly.pdbx_seq_one_letter_code
_entity_poly.pdbx_strand_id
1 'polypeptide(L)'
;VVGGLVALRGAHPYIAALYWGHSFCAGSLIAPCWVLTAAHCLQDRPAPEDLTVVLGQERRNHSCEPCQTLAVRSYRLHEA
FSPVSYQHDLALLRLQEDADGSCALLSPYVQPVSLPSGAARPSETTLCQVAGWGHQFEGAEEYASFLQEAQVPFLSLERC
SAPDVHGSSILPGMLCAGFLEGGTDACQGDSGGPLVCEDQAAERRLTLQGIISWGSGCGDRNKPGVYTDVAYYLAWIREH
TVSEPEA
;
B,A
2 'polypeptide(L)'
;EVQLLESGGGLVQPGGSLRLSCAASGFTFSKYIMQWVRQAPGKGLEWVSGIDIPTKGTVYADSVKGRFTISRDNSKNTLY
LQMNSLRAEDTAVYYCARALPRSGYLISPHYYYYALDVWGQGTTVTVSSASTKGPSVFPLAPCSRSTSESTAALGCLVKD
YFPEPVTVSWNSGALTSGVHTFPAVLQSSGLYSLSSVVTVPSSSLGTKTYTCNVDHKPSNTKVDKRVESKYGPP
;
E,H
3 'polypeptide(L)'
;QSVLTQPPSASGTPGQRVTISCSGSSSNIGRNYVYWYQQLPGTAPKLLIYSNNQRPSGVPDRFSGSKSGTSASLAISGLR
SEDEADYYCAAWDASLRGVFGGGTKLTVLGQPKAAPSVTLFPPSSEELQANKATLVCLISDFYPGAVTVAWKADSSPVKA
GVETTTPSKQSNNKYAASSYLSLTPEQWKSHRSYSCQVTHEGSTVEKTVAPTECS
;
I,L
#
# COMPACT_ATOMS: atom_id res chain seq x y z
N VAL A 1 2.20 11.30 4.10
CA VAL A 1 3.61 11.51 4.42
C VAL A 1 4.06 10.47 5.45
N VAL A 2 4.91 9.54 5.01
CA VAL A 2 5.46 8.54 5.90
C VAL A 2 6.67 9.13 6.63
N GLY A 3 6.80 8.80 7.91
CA GLY A 3 7.91 9.30 8.69
C GLY A 3 7.86 10.78 8.98
N GLY A 4 6.68 11.39 8.95
CA GLY A 4 6.53 12.81 9.17
C GLY A 4 6.00 13.14 10.56
N LEU A 5 5.68 14.42 10.73
CA LEU A 5 5.23 14.95 12.02
C LEU A 5 4.00 15.81 11.81
N VAL A 6 3.21 15.95 12.87
CA VAL A 6 2.06 16.83 12.84
C VAL A 6 2.52 18.28 12.73
N ALA A 7 2.00 18.99 11.74
CA ALA A 7 2.35 20.38 11.55
C ALA A 7 1.59 21.28 12.53
N LEU A 8 2.13 22.47 12.76
CA LEU A 8 1.47 23.43 13.61
C LEU A 8 0.25 24.02 12.90
N ARG A 9 -0.59 24.72 13.68
CA ARG A 9 -1.84 25.24 13.13
C ARG A 9 -1.60 26.27 12.05
N GLY A 10 -0.61 27.14 12.23
CA GLY A 10 -0.31 28.14 11.23
C GLY A 10 1.00 27.90 10.52
N ALA A 11 1.30 26.65 10.21
CA ALA A 11 2.59 26.29 9.63
C ALA A 11 2.58 26.34 8.11
N HIS A 12 1.52 25.85 7.47
CA HIS A 12 1.43 25.80 6.00
C HIS A 12 0.14 26.48 5.57
N PRO A 13 0.06 27.81 5.64
CA PRO A 13 -1.16 28.50 5.24
C PRO A 13 -1.41 28.48 3.73
N TYR A 14 -0.45 28.02 2.94
CA TYR A 14 -0.56 28.00 1.49
C TYR A 14 -1.12 26.70 0.95
N ILE A 15 -1.29 25.69 1.78
CA ILE A 15 -1.75 24.39 1.31
C ILE A 15 -3.26 24.44 1.08
N ALA A 16 -3.72 23.73 0.06
CA ALA A 16 -5.11 23.69 -0.31
C ALA A 16 -5.59 22.24 -0.38
N ALA A 17 -6.87 22.05 -0.06
CA ALA A 17 -7.51 20.75 -0.13
C ALA A 17 -8.57 20.77 -1.23
N LEU A 18 -8.52 19.78 -2.11
CA LEU A 18 -9.42 19.69 -3.25
C LEU A 18 -10.32 18.47 -3.08
N TYR A 19 -11.62 18.67 -3.27
CA TYR A 19 -12.61 17.61 -3.11
C TYR A 19 -13.52 17.56 -4.32
N TRP A 20 -13.75 16.35 -4.83
CA TRP A 20 -14.76 16.12 -5.85
C TRP A 20 -15.16 14.66 -5.79
N GLY A 21 -16.46 14.40 -5.63
CA GLY A 21 -16.91 13.02 -5.46
C GLY A 21 -16.32 12.43 -4.20
N HIS A 22 -15.69 11.26 -4.35
CA HIS A 22 -14.95 10.63 -3.28
C HIS A 22 -13.45 10.85 -3.42
N SER A 23 -13.02 11.68 -4.36
CA SER A 23 -11.61 11.91 -4.66
C SER A 23 -11.10 13.14 -3.93
N PHE A 24 -9.82 13.10 -3.57
CA PHE A 24 -9.18 14.18 -2.85
C PHE A 24 -7.72 14.27 -3.26
N CYS A 25 -7.19 15.50 -3.31
CA CYS A 25 -5.76 15.70 -3.30
C CYS A 25 -5.47 17.13 -2.86
N ALA A 26 -4.18 17.45 -2.78
CA ALA A 26 -3.74 18.71 -2.20
C ALA A 26 -3.38 19.72 -3.29
N GLY A 27 -2.83 20.85 -2.86
CA GLY A 27 -2.44 21.90 -3.78
C GLY A 27 -1.68 22.98 -3.05
N SER A 28 -1.39 24.05 -3.77
CA SER A 28 -0.66 25.18 -3.21
C SER A 28 -1.28 26.48 -3.70
N LEU A 29 -1.69 27.32 -2.77
CA LEU A 29 -2.12 28.67 -3.12
C LEU A 29 -0.89 29.49 -3.51
N ILE A 30 -0.78 29.81 -4.80
CA ILE A 30 0.31 30.65 -5.29
C ILE A 30 -0.13 32.09 -5.49
N ALA A 31 -1.43 32.36 -5.46
CA ALA A 31 -2.00 33.69 -5.65
C ALA A 31 -3.38 33.69 -5.03
N PRO A 32 -3.97 34.87 -4.77
CA PRO A 32 -5.31 34.90 -4.17
C PRO A 32 -6.37 34.14 -4.97
N CYS A 33 -6.21 34.00 -6.28
CA CYS A 33 -7.19 33.29 -7.11
C CYS A 33 -6.59 32.10 -7.84
N TRP A 34 -5.44 31.60 -7.42
CA TRP A 34 -4.75 30.55 -8.17
C TRP A 34 -4.21 29.49 -7.23
N VAL A 35 -4.55 28.23 -7.52
CA VAL A 35 -4.04 27.07 -6.81
C VAL A 35 -3.29 26.20 -7.80
N LEU A 36 -2.06 25.82 -7.45
CA LEU A 36 -1.22 24.99 -8.28
C LEU A 36 -1.18 23.58 -7.72
N THR A 37 -1.52 22.60 -8.54
CA THR A 37 -1.59 21.21 -8.12
C THR A 37 -1.02 20.34 -9.23
N ALA A 38 -1.22 19.03 -9.12
CA ALA A 38 -0.70 18.07 -10.09
C ALA A 38 -1.69 17.87 -11.23
N ALA A 39 -1.15 17.61 -12.42
CA ALA A 39 -1.99 17.35 -13.57
C ALA A 39 -2.70 16.00 -13.47
N HIS A 40 -2.08 15.03 -12.79
CA HIS A 40 -2.67 13.70 -12.68
C HIS A 40 -3.77 13.63 -11.63
N CYS A 41 -3.93 14.66 -10.80
CA CYS A 41 -5.13 14.77 -9.97
C CYS A 41 -6.38 14.86 -10.83
N LEU A 42 -6.33 15.65 -11.89
CA LEU A 42 -7.50 16.00 -12.68
C LEU A 42 -7.43 15.42 -14.09
N GLN A 43 -6.74 14.29 -14.26
CA GLN A 43 -6.57 13.70 -15.58
C GLN A 43 -7.83 12.98 -16.06
N ASP A 44 -8.74 12.63 -15.16
CA ASP A 44 -10.05 12.13 -15.57
C ASP A 44 -10.99 13.25 -15.99
N ARG A 45 -10.56 14.50 -15.82
CA ARG A 45 -11.26 15.71 -16.26
C ARG A 45 -12.66 15.82 -15.67
N PRO A 46 -12.79 16.00 -14.36
CA PRO A 46 -14.11 16.31 -13.80
C PRO A 46 -14.52 17.74 -14.14
N ALA A 47 -15.81 18.01 -13.97
CA ALA A 47 -16.30 19.36 -14.24
C ALA A 47 -15.78 20.32 -13.18
N PRO A 48 -15.47 21.57 -13.55
CA PRO A 48 -15.09 22.56 -12.54
C PRO A 48 -16.17 22.82 -11.50
N GLU A 49 -17.45 22.60 -11.86
CA GLU A 49 -18.53 22.79 -10.90
C GLU A 49 -18.57 21.69 -9.85
N ASP A 50 -17.87 20.59 -10.07
CA ASP A 50 -17.79 19.49 -9.11
C ASP A 50 -16.64 19.63 -8.14
N LEU A 51 -15.81 20.67 -8.28
CA LEU A 51 -14.59 20.83 -7.50
C LEU A 51 -14.82 21.79 -6.34
N THR A 52 -14.34 21.41 -5.17
CA THR A 52 -14.41 22.22 -3.96
C THR A 52 -13.00 22.45 -3.43
N VAL A 53 -12.67 23.71 -3.15
CA VAL A 53 -11.36 24.09 -2.64
C VAL A 53 -11.54 24.64 -1.22
N VAL A 54 -10.80 24.08 -0.27
CA VAL A 54 -10.85 24.52 1.12
C VAL A 54 -9.47 25.03 1.50
N LEU A 55 -9.41 26.29 1.93
CA LEU A 55 -8.16 26.95 2.33
C LEU A 55 -8.18 27.22 3.83
N GLY A 56 -7.02 27.13 4.46
CA GLY A 56 -6.88 27.44 5.87
C GLY A 56 -7.11 26.26 6.81
N GLN A 57 -6.99 25.04 6.31
CA GLN A 57 -7.50 23.86 6.99
C GLN A 57 -6.38 23.07 7.67
N GLU A 58 -6.71 22.45 8.80
CA GLU A 58 -5.76 21.60 9.52
C GLU A 58 -6.16 20.14 9.55
N ARG A 59 -7.41 19.83 9.84
CA ARG A 59 -7.92 18.46 9.81
C ARG A 59 -8.57 18.20 8.47
N ARG A 60 -8.36 17.00 7.92
CA ARG A 60 -8.81 16.72 6.57
C ARG A 60 -10.33 16.58 6.55
N ASN A 61 -10.97 17.40 5.72
CA ASN A 61 -12.41 17.45 5.54
C ASN A 61 -13.15 17.74 6.84
N HIS A 62 -12.55 18.54 7.72
CA HIS A 62 -13.19 18.99 8.94
C HIS A 62 -13.32 20.51 8.90
N SER A 63 -14.52 21.01 9.22
CA SER A 63 -14.75 22.45 9.23
C SER A 63 -14.00 23.11 10.38
N CYS A 64 -13.46 24.29 10.10
CA CYS A 64 -12.75 25.07 11.10
C CYS A 64 -13.10 26.54 10.91
N GLU A 65 -12.88 27.33 11.95
CA GLU A 65 -13.15 28.76 11.87
C GLU A 65 -12.31 29.46 10.80
N PRO A 66 -10.98 29.23 10.70
CA PRO A 66 -10.22 29.84 9.61
C PRO A 66 -10.40 29.17 8.26
N CYS A 67 -11.15 28.08 8.17
CA CYS A 67 -11.35 27.40 6.90
C CYS A 67 -12.10 28.30 5.93
N GLN A 68 -11.71 28.23 4.66
CA GLN A 68 -12.36 28.99 3.59
C GLN A 68 -12.70 28.05 2.45
N THR A 69 -13.99 27.93 2.14
CA THR A 69 -14.47 27.06 1.07
C THR A 69 -14.70 27.89 -0.19
N LEU A 70 -14.19 27.41 -1.32
CA LEU A 70 -14.27 28.15 -2.57
C LEU A 70 -14.61 27.21 -3.72
N ALA A 71 -15.24 27.77 -4.74
CA ALA A 71 -15.54 27.05 -5.98
C ALA A 71 -14.45 27.31 -7.01
N VAL A 72 -14.42 26.47 -8.02
CA VAL A 72 -13.41 26.53 -9.07
C VAL A 72 -14.07 27.02 -10.35
N ARG A 73 -13.59 28.15 -10.88
CA ARG A 73 -14.07 28.63 -12.16
C ARG A 73 -13.66 27.69 -13.29
N SER A 74 -12.37 27.36 -13.35
CA SER A 74 -11.83 26.49 -14.39
C SER A 74 -10.46 26.01 -13.93
N TYR A 75 -10.00 24.94 -14.56
CA TYR A 75 -8.64 24.46 -14.34
C TYR A 75 -7.97 24.19 -15.68
N ARG A 76 -6.64 24.29 -15.69
CA ARG A 76 -5.84 24.13 -16.90
C ARG A 76 -4.74 23.12 -16.61
N LEU A 77 -4.91 21.91 -17.11
CA LEU A 77 -3.82 20.95 -17.13
C LEU A 77 -2.74 21.41 -18.08
N HIS A 78 -1.50 21.00 -17.81
CA HIS A 78 -0.41 21.31 -18.73
C HIS A 78 -0.67 20.64 -20.07
N GLU A 79 -0.44 21.40 -21.15
CA GLU A 79 -0.76 20.91 -22.49
C GLU A 79 0.09 19.72 -22.90
N ALA A 80 1.28 19.57 -22.31
CA ALA A 80 2.18 18.46 -22.64
C ALA A 80 2.21 17.40 -21.56
N PHE A 81 1.25 17.41 -20.62
CA PHE A 81 1.24 16.41 -19.57
C PHE A 81 1.06 15.01 -20.16
N SER A 82 1.90 14.09 -19.71
CA SER A 82 1.83 12.71 -20.17
C SER A 82 1.30 11.82 -19.05
N PRO A 83 0.09 11.28 -19.17
CA PRO A 83 -0.39 10.33 -18.14
C PRO A 83 0.44 9.05 -18.09
N VAL A 84 1.20 8.74 -19.13
CA VAL A 84 2.03 7.54 -19.12
C VAL A 84 3.27 7.74 -18.26
N SER A 85 3.95 8.87 -18.45
CA SER A 85 5.21 9.13 -17.77
C SER A 85 5.12 10.16 -16.66
N TYR A 86 3.98 10.84 -16.51
CA TYR A 86 3.79 11.89 -15.51
C TYR A 86 4.77 13.04 -15.71
N GLN A 87 5.12 13.34 -16.96
CA GLN A 87 5.93 14.51 -17.27
C GLN A 87 5.01 15.70 -17.51
N HIS A 88 5.50 16.89 -17.12
CA HIS A 88 4.71 18.11 -17.09
C HIS A 88 3.47 17.91 -16.23
N ASP A 89 3.67 17.31 -15.06
CA ASP A 89 2.58 16.94 -14.15
C ASP A 89 2.23 18.11 -13.23
N LEU A 90 1.56 19.09 -13.82
CA LEU A 90 1.11 20.26 -13.06
C LEU A 90 -0.13 20.84 -13.73
N ALA A 91 -1.01 21.40 -12.90
CA ALA A 91 -2.25 22.01 -13.35
C ALA A 91 -2.51 23.27 -12.53
N LEU A 92 -3.30 24.17 -13.09
CA LEU A 92 -3.62 25.45 -12.47
C LEU A 92 -5.12 25.55 -12.23
N LEU A 93 -5.51 25.87 -11.00
CA LEU A 93 -6.91 26.06 -10.64
C LEU A 93 -7.21 27.55 -10.55
N ARG A 94 -8.31 27.97 -11.16
CA ARG A 94 -8.81 29.34 -11.04
C ARG A 94 -10.01 29.35 -10.11
N LEU A 95 -9.91 30.12 -9.03
CA LEU A 95 -10.95 30.16 -8.02
C LEU A 95 -12.07 31.11 -8.43
N GLN A 96 -13.23 30.94 -7.80
CA GLN A 96 -14.43 31.69 -8.14
C GLN A 96 -14.48 32.99 -7.35
N GLU A 97 -14.54 34.12 -8.06
CA GLU A 97 -14.65 35.42 -7.42
C GLU A 97 -16.04 35.63 -6.84
N ASP A 98 -16.11 36.37 -5.74
CA ASP A 98 -17.38 36.73 -5.12
C ASP A 98 -17.93 37.99 -5.81
N ALA A 99 -18.93 38.62 -5.18
CA ALA A 99 -19.56 39.77 -5.78
C ALA A 99 -18.58 40.93 -5.96
N ASP A 100 -17.72 41.16 -4.97
CA ASP A 100 -16.74 42.25 -5.04
C ASP A 100 -15.39 41.80 -5.56
N GLY A 101 -15.33 40.64 -6.22
CA GLY A 101 -14.11 40.20 -6.88
C GLY A 101 -12.94 39.86 -5.98
N SER A 102 -13.19 39.17 -4.88
CA SER A 102 -12.14 38.70 -3.97
C SER A 102 -12.26 37.19 -3.86
N CYS A 103 -11.25 36.47 -4.35
CA CYS A 103 -11.31 35.02 -4.36
C CYS A 103 -11.02 34.43 -2.99
N ALA A 104 -9.82 34.66 -2.47
CA ALA A 104 -9.41 34.17 -1.17
C ALA A 104 -9.06 35.33 -0.27
N LEU A 105 -9.62 35.32 0.95
CA LEU A 105 -9.33 36.37 1.92
C LEU A 105 -8.06 36.02 2.68
N LEU A 106 -7.06 36.89 2.60
CA LEU A 106 -5.79 36.62 3.27
C LEU A 106 -5.94 36.76 4.78
N SER A 107 -5.30 35.85 5.50
CA SER A 107 -5.42 35.79 6.95
C SER A 107 -4.15 35.15 7.49
N PRO A 108 -4.01 35.08 8.82
CA PRO A 108 -2.86 34.34 9.38
C PRO A 108 -2.84 32.87 8.99
N TYR A 109 -3.97 32.32 8.54
CA TYR A 109 -4.04 30.91 8.17
C TYR A 109 -4.25 30.68 6.69
N VAL A 110 -4.53 31.73 5.91
CA VAL A 110 -4.66 31.64 4.46
C VAL A 110 -3.69 32.65 3.86
N GLN A 111 -2.69 32.18 3.13
CA GLN A 111 -1.65 33.04 2.58
C GLN A 111 -0.97 32.34 1.40
N PRO A 112 -0.77 33.03 0.28
CA PRO A 112 -0.09 32.40 -0.86
C PRO A 112 1.39 32.20 -0.60
N VAL A 113 1.95 31.23 -1.29
CA VAL A 113 3.37 30.89 -1.20
C VAL A 113 4.10 31.48 -2.40
N SER A 114 5.31 31.95 -2.18
CA SER A 114 6.10 32.53 -3.24
C SER A 114 6.62 31.46 -4.19
N LEU A 115 6.88 31.86 -5.41
CA LEU A 115 7.46 31.09 -6.50
C LEU A 115 8.93 31.41 -6.64
N PRO A 116 9.76 30.46 -7.11
CA PRO A 116 11.20 30.69 -7.22
C PRO A 116 11.58 31.66 -8.34
N LEU A 127 17.15 22.80 3.12
CA LEU A 127 16.07 22.81 4.10
C LEU A 127 14.73 22.83 3.39
N CYS A 128 14.31 21.68 2.89
CA CYS A 128 13.07 21.53 2.15
C CYS A 128 12.07 20.73 2.97
N GLN A 129 10.80 21.10 2.87
CA GLN A 129 9.75 20.52 3.69
C GLN A 129 8.56 20.11 2.84
N VAL A 130 8.04 18.91 3.09
CA VAL A 130 6.91 18.36 2.36
C VAL A 130 5.76 18.14 3.33
N ALA A 131 4.54 18.43 2.87
CA ALA A 131 3.35 18.34 3.72
C ALA A 131 2.18 17.78 2.92
N GLY A 132 1.28 17.10 3.62
CA GLY A 132 0.10 16.56 2.98
C GLY A 132 -0.71 15.73 3.96
N TRP A 133 -1.88 15.29 3.47
CA TRP A 133 -2.80 14.47 4.24
C TRP A 133 -2.81 13.02 3.77
N GLY A 134 -1.72 12.56 3.16
CA GLY A 134 -1.67 11.26 2.56
C GLY A 134 -1.47 10.15 3.58
N HIS A 135 -1.13 8.97 3.07
CA HIS A 135 -0.93 7.81 3.92
C HIS A 135 0.29 8.00 4.82
N GLN A 136 0.10 7.78 6.12
CA GLN A 136 1.21 7.80 7.07
C GLN A 136 1.96 6.48 7.12
N PHE A 137 1.41 5.43 6.52
CA PHE A 137 2.08 4.15 6.38
C PHE A 137 1.83 3.63 4.97
N GLU A 138 2.69 2.72 4.53
CA GLU A 138 2.71 2.35 3.11
C GLU A 138 1.38 1.75 2.67
N GLY A 139 0.79 0.88 3.48
CA GLY A 139 -0.49 0.30 3.13
C GLY A 139 -1.62 0.81 4.00
N ALA A 140 -1.60 2.12 4.28
CA ALA A 140 -2.55 2.71 5.20
C ALA A 140 -3.97 2.64 4.65
N GLU A 141 -4.93 2.45 5.55
CA GLU A 141 -6.32 2.29 5.17
C GLU A 141 -7.03 3.62 5.03
N GLU A 142 -6.57 4.66 5.72
CA GLU A 142 -7.23 5.96 5.71
C GLU A 142 -6.21 7.07 5.53
N TYR A 143 -6.71 8.25 5.18
CA TYR A 143 -5.88 9.44 5.09
C TYR A 143 -5.40 9.87 6.46
N ALA A 144 -4.39 10.74 6.46
CA ALA A 144 -4.00 11.41 7.69
C ALA A 144 -5.06 12.42 8.08
N SER A 145 -5.52 12.34 9.34
CA SER A 145 -6.50 13.32 9.82
C SER A 145 -5.86 14.69 9.98
N PHE A 146 -4.70 14.74 10.62
CA PHE A 146 -3.96 15.97 10.79
C PHE A 146 -2.96 16.15 9.65
N LEU A 147 -2.73 17.40 9.28
CA LEU A 147 -1.76 17.70 8.23
C LEU A 147 -0.36 17.36 8.73
N GLN A 148 0.30 16.46 8.03
CA GLN A 148 1.65 16.02 8.39
C GLN A 148 2.69 16.82 7.61
N GLU A 149 3.88 16.94 8.20
CA GLU A 149 4.99 17.64 7.60
C GLU A 149 6.25 16.79 7.74
N ALA A 150 7.22 17.04 6.86
CA ALA A 150 8.45 16.28 6.90
C ALA A 150 9.57 17.09 6.26
N GLN A 151 10.79 16.89 6.74
CA GLN A 151 11.99 17.51 6.19
C GLN A 151 12.65 16.51 5.25
N VAL A 152 12.78 16.89 3.98
CA VAL A 152 13.43 16.04 2.98
C VAL A 152 14.49 16.83 2.24
N PRO A 153 15.72 16.33 2.16
CA PRO A 153 16.76 17.05 1.41
C PRO A 153 16.53 16.98 -0.09
N PHE A 154 16.99 18.02 -0.78
CA PHE A 154 17.00 17.99 -2.23
C PHE A 154 18.10 17.08 -2.73
N LEU A 155 17.79 16.27 -3.74
CA LEU A 155 18.73 15.32 -4.29
C LEU A 155 19.15 15.74 -5.70
N SER A 156 20.41 15.44 -6.04
CA SER A 156 20.96 15.85 -7.32
C SER A 156 20.35 15.03 -8.46
N LEU A 157 20.34 15.63 -9.65
CA LEU A 157 19.79 14.96 -10.83
C LEU A 157 20.60 13.74 -11.21
N GLU A 158 21.93 13.79 -11.02
CA GLU A 158 22.76 12.61 -11.27
C GLU A 158 22.36 11.46 -10.35
N ARG A 159 22.05 11.77 -9.09
CA ARG A 159 21.56 10.74 -8.18
C ARG A 159 20.14 10.32 -8.54
N CYS A 160 19.34 11.24 -9.10
CA CYS A 160 18.00 10.89 -9.57
C CYS A 160 18.07 9.82 -10.65
N SER A 161 18.86 10.08 -11.69
CA SER A 161 18.91 9.24 -12.88
C SER A 161 19.90 8.08 -12.75
N ALA A 162 20.32 7.76 -11.54
CA ALA A 162 21.16 6.58 -11.35
C ALA A 162 20.36 5.32 -11.65
N PRO A 163 20.98 4.31 -12.23
CA PRO A 163 20.25 3.07 -12.55
C PRO A 163 19.66 2.39 -11.33
N ASP A 164 20.26 2.57 -10.16
CA ASP A 164 19.76 1.96 -8.93
C ASP A 164 18.70 2.78 -8.22
N VAL A 165 18.52 4.05 -8.59
CA VAL A 165 17.55 4.90 -7.90
C VAL A 165 16.28 5.03 -8.72
N HIS A 166 16.38 5.64 -9.89
CA HIS A 166 15.23 5.76 -10.79
C HIS A 166 15.57 5.56 -12.26
N GLY A 167 16.84 5.61 -12.65
CA GLY A 167 17.19 5.33 -14.04
C GLY A 167 16.65 6.39 -14.98
N SER A 168 16.11 5.92 -16.10
CA SER A 168 15.65 6.78 -17.18
C SER A 168 14.24 7.32 -16.96
N SER A 169 13.58 6.96 -15.86
CA SER A 169 12.25 7.48 -15.57
C SER A 169 12.26 8.98 -15.28
N ILE A 170 13.41 9.53 -14.87
CA ILE A 170 13.50 10.95 -14.51
C ILE A 170 13.62 11.76 -15.79
N LEU A 171 12.56 12.47 -16.14
CA LEU A 171 12.48 13.30 -17.32
C LEU A 171 12.65 14.77 -16.95
N PRO A 172 13.00 15.62 -17.92
CA PRO A 172 13.16 17.05 -17.62
C PRO A 172 11.90 17.65 -17.03
N GLY A 173 12.08 18.47 -15.99
CA GLY A 173 10.99 19.03 -15.23
C GLY A 173 10.71 18.31 -13.92
N MET A 174 11.42 17.23 -13.64
CA MET A 174 11.26 16.44 -12.43
C MET A 174 12.38 16.76 -11.45
N LEU A 175 12.18 16.38 -10.19
CA LEU A 175 13.25 16.47 -9.21
C LEU A 175 13.02 15.44 -8.12
N CYS A 176 14.06 15.19 -7.34
CA CYS A 176 14.04 14.21 -6.26
C CYS A 176 14.09 14.95 -4.93
N ALA A 177 13.48 14.34 -3.92
CA ALA A 177 13.60 14.84 -2.55
C ALA A 177 13.32 13.70 -1.60
N GLY A 178 14.17 13.56 -0.60
CA GLY A 178 14.06 12.50 0.39
C GLY A 178 15.40 11.87 0.63
N PHE A 179 15.37 10.65 1.15
CA PHE A 179 16.57 9.93 1.55
C PHE A 179 16.72 8.67 0.72
N LEU A 180 17.95 8.36 0.34
CA LEU A 180 18.24 7.12 -0.36
C LEU A 180 18.15 5.91 0.57
N GLU A 181 18.06 6.12 1.87
CA GLU A 181 17.91 5.05 2.85
C GLU A 181 16.45 4.75 3.16
N GLY A 182 15.52 5.52 2.61
CA GLY A 182 14.11 5.31 2.88
C GLY A 182 13.63 6.09 4.08
N GLY A 183 12.52 5.63 4.65
CA GLY A 183 11.97 6.25 5.84
C GLY A 183 11.01 7.38 5.52
N THR A 184 11.50 8.61 5.59
CA THR A 184 10.67 9.78 5.36
C THR A 184 10.47 10.02 3.87
N ASP A 185 9.21 10.19 3.46
CA ASP A 185 8.86 10.36 2.06
C ASP A 185 7.39 10.75 1.97
N ALA A 186 6.97 11.12 0.76
CA ALA A 186 5.56 11.26 0.44
C ALA A 186 4.95 9.90 0.12
N CYS A 187 3.62 9.85 0.09
CA CYS A 187 2.93 8.57 -0.09
C CYS A 187 1.62 8.83 -0.83
N GLN A 188 0.81 7.78 -0.93
CA GLN A 188 -0.49 7.88 -1.59
C GLN A 188 -1.39 8.85 -0.84
N GLY A 189 -2.06 9.73 -1.58
CA GLY A 189 -2.90 10.75 -1.01
C GLY A 189 -2.27 12.12 -0.91
N ASP A 190 -0.96 12.22 -1.12
CA ASP A 190 -0.24 13.48 -1.03
C ASP A 190 -0.10 14.18 -2.37
N SER A 191 -0.69 13.62 -3.43
CA SER A 191 -0.49 14.13 -4.78
C SER A 191 -0.91 15.59 -4.88
N GLY A 192 -0.07 16.41 -5.52
CA GLY A 192 -0.33 17.81 -5.70
C GLY A 192 0.13 18.70 -4.57
N GLY A 193 0.62 18.13 -3.48
CA GLY A 193 1.00 18.90 -2.32
C GLY A 193 2.29 19.65 -2.52
N PRO A 194 2.57 20.57 -1.61
CA PRO A 194 3.73 21.45 -1.76
C PRO A 194 5.03 20.82 -1.29
N LEU A 195 6.11 21.26 -1.95
CA LEU A 195 7.47 21.08 -1.46
C LEU A 195 8.08 22.47 -1.37
N VAL A 196 8.28 22.96 -0.15
CA VAL A 196 8.78 24.30 0.10
C VAL A 196 10.18 24.22 0.69
N CYS A 197 11.11 24.96 0.10
CA CYS A 197 12.49 25.00 0.55
C CYS A 197 12.82 26.39 1.09
N LEU A 206 9.99 31.39 2.35
CA LEU A 206 9.86 30.10 1.70
C LEU A 206 9.36 30.27 0.26
N THR A 207 9.73 29.33 -0.59
CA THR A 207 9.29 29.29 -1.97
C THR A 207 8.80 27.89 -2.31
N LEU A 208 7.87 27.82 -3.25
CA LEU A 208 7.36 26.53 -3.73
C LEU A 208 8.37 25.96 -4.72
N GLN A 209 8.99 24.84 -4.37
CA GLN A 209 10.01 24.23 -5.20
C GLN A 209 9.57 22.91 -5.84
N GLY A 210 8.46 22.34 -5.42
CA GLY A 210 8.03 21.07 -5.99
C GLY A 210 6.56 20.81 -5.77
N ILE A 211 6.02 19.95 -6.63
CA ILE A 211 4.66 19.43 -6.51
C ILE A 211 4.77 17.92 -6.39
N ILE A 212 4.15 17.36 -5.35
CA ILE A 212 4.19 15.91 -5.15
C ILE A 212 3.55 15.22 -6.34
N SER A 213 4.37 14.48 -7.10
CA SER A 213 3.93 13.95 -8.39
C SER A 213 3.82 12.43 -8.40
N TRP A 214 4.89 11.70 -8.12
CA TRP A 214 4.81 10.25 -8.17
C TRP A 214 5.98 9.64 -7.41
N GLY A 215 5.85 8.36 -7.10
CA GLY A 215 6.89 7.63 -6.41
C GLY A 215 6.65 6.14 -6.40
N SER A 216 7.70 5.35 -6.55
CA SER A 216 7.60 3.89 -6.54
C SER A 216 7.80 3.41 -5.11
N GLY A 217 6.70 3.25 -4.40
CA GLY A 217 6.73 2.94 -2.99
C GLY A 217 6.72 4.19 -2.12
N CYS A 218 6.57 3.96 -0.82
CA CYS A 218 6.59 5.03 0.17
C CYS A 218 7.74 4.77 1.13
N GLY A 219 8.77 5.61 1.05
CA GLY A 219 9.93 5.46 1.91
C GLY A 219 10.74 4.21 1.70
N ASP A 220 10.95 3.82 0.45
CA ASP A 220 11.81 2.69 0.12
C ASP A 220 13.27 3.14 -0.01
N ARG A 221 14.17 2.19 0.17
CA ARG A 221 15.58 2.46 -0.02
C ARG A 221 15.87 2.67 -1.50
N ASN A 222 16.60 3.75 -1.81
CA ASN A 222 16.97 4.13 -3.18
C ASN A 222 15.75 4.48 -4.03
N LYS A 223 14.62 4.82 -3.41
CA LYS A 223 13.41 5.23 -4.13
C LYS A 223 12.80 6.46 -3.46
N PRO A 224 13.45 7.62 -3.59
CA PRO A 224 12.86 8.85 -3.05
C PRO A 224 11.72 9.35 -3.93
N GLY A 225 10.89 10.19 -3.33
CA GLY A 225 9.75 10.73 -4.05
C GLY A 225 10.16 11.68 -5.15
N VAL A 226 9.34 11.72 -6.20
CA VAL A 226 9.60 12.55 -7.37
C VAL A 226 8.59 13.70 -7.38
N TYR A 227 9.08 14.89 -7.70
CA TYR A 227 8.28 16.11 -7.67
C TYR A 227 8.27 16.76 -9.05
N THR A 228 7.50 17.83 -9.17
CA THR A 228 7.51 18.68 -10.35
C THR A 228 8.37 19.91 -10.04
N ASP A 229 9.40 20.12 -10.84
CA ASP A 229 10.32 21.25 -10.64
C ASP A 229 9.57 22.53 -10.97
N VAL A 230 9.17 23.27 -9.95
CA VAL A 230 8.34 24.46 -10.14
C VAL A 230 9.10 25.53 -10.92
N ALA A 231 10.41 25.63 -10.68
CA ALA A 231 11.23 26.60 -11.41
C ALA A 231 11.33 26.25 -12.89
N TYR A 232 11.14 24.99 -13.26
CA TYR A 232 11.16 24.60 -14.67
C TYR A 232 9.96 25.13 -15.43
N TYR A 233 8.85 25.43 -14.74
CA TYR A 233 7.61 25.84 -15.38
C TYR A 233 7.20 27.24 -14.96
N LEU A 234 8.17 28.09 -14.59
CA LEU A 234 7.85 29.43 -14.11
C LEU A 234 7.16 30.25 -15.20
N ALA A 235 7.66 30.17 -16.44
CA ALA A 235 7.07 30.95 -17.53
C ALA A 235 5.65 30.48 -17.83
N TRP A 236 5.41 29.17 -17.80
CA TRP A 236 4.06 28.65 -18.01
C TRP A 236 3.09 29.17 -16.96
N ILE A 237 3.50 29.15 -15.69
CA ILE A 237 2.65 29.64 -14.61
C ILE A 237 2.39 31.13 -14.77
N ARG A 238 3.43 31.91 -15.08
CA ARG A 238 3.24 33.35 -15.24
C ARG A 238 2.32 33.65 -16.42
N GLU A 239 2.44 32.88 -17.50
CA GLU A 239 1.61 33.12 -18.67
C GLU A 239 0.16 32.76 -18.42
N HIS A 240 -0.09 31.66 -17.69
CA HIS A 240 -1.44 31.16 -17.53
C HIS A 240 -2.08 31.55 -16.21
N THR A 241 -1.41 32.38 -15.40
CA THR A 241 -2.04 33.00 -14.25
C THR A 241 -2.37 34.47 -14.46
N VAL A 242 -2.08 35.01 -15.64
CA VAL A 242 -2.46 36.39 -15.94
C VAL A 242 -3.96 36.48 -16.18
N VAL B 2 -9.38 -14.09 -17.43
CA VAL B 2 -9.28 -12.94 -18.32
C VAL B 2 -9.21 -13.40 -19.76
N GLN B 3 -10.18 -12.98 -20.56
CA GLN B 3 -10.30 -13.47 -21.93
C GLN B 3 -10.93 -12.37 -22.80
N LEU B 4 -10.44 -12.26 -24.03
CA LEU B 4 -10.97 -11.33 -25.01
C LEU B 4 -11.28 -12.10 -26.29
N LEU B 5 -12.48 -11.88 -26.84
CA LEU B 5 -12.95 -12.63 -28.00
C LEU B 5 -13.42 -11.65 -29.06
N GLU B 6 -12.80 -11.69 -30.24
CA GLU B 6 -13.14 -10.82 -31.34
C GLU B 6 -14.09 -11.52 -32.31
N SER B 7 -14.91 -10.73 -32.99
CA SER B 7 -15.86 -11.24 -33.96
C SER B 7 -16.21 -10.12 -34.94
N GLY B 8 -16.84 -10.50 -36.05
CA GLY B 8 -17.29 -9.55 -37.04
C GLY B 8 -16.44 -9.47 -38.29
N GLY B 9 -15.36 -10.24 -38.38
CA GLY B 9 -14.52 -10.20 -39.56
C GLY B 9 -15.11 -10.97 -40.72
N GLY B 10 -14.68 -10.61 -41.93
CA GLY B 10 -15.16 -11.27 -43.12
C GLY B 10 -14.72 -10.52 -44.36
N LEU B 11 -15.19 -11.03 -45.50
CA LEU B 11 -14.86 -10.46 -46.79
C LEU B 11 -15.81 -9.30 -47.10
N VAL B 12 -15.25 -8.14 -47.39
CA VAL B 12 -16.02 -6.93 -47.67
C VAL B 12 -15.53 -6.34 -48.98
N GLN B 13 -16.47 -5.83 -49.79
CA GLN B 13 -16.10 -5.12 -50.99
C GLN B 13 -15.47 -3.77 -50.63
N PRO B 14 -14.55 -3.26 -51.45
CA PRO B 14 -13.95 -1.96 -51.17
C PRO B 14 -15.01 -0.87 -51.13
N GLY B 15 -14.84 0.07 -50.18
CA GLY B 15 -15.81 1.09 -49.95
C GLY B 15 -16.98 0.69 -49.08
N GLY B 16 -16.98 -0.54 -48.58
CA GLY B 16 -18.07 -1.03 -47.75
C GLY B 16 -17.90 -0.63 -46.28
N SER B 17 -18.69 -1.27 -45.44
CA SER B 17 -18.69 -1.02 -44.01
C SER B 17 -18.67 -2.33 -43.25
N LEU B 18 -18.15 -2.28 -42.03
CA LEU B 18 -18.03 -3.46 -41.19
C LEU B 18 -17.93 -3.01 -39.73
N ARG B 19 -18.44 -3.85 -38.83
CA ARG B 19 -18.39 -3.57 -37.40
C ARG B 19 -17.78 -4.76 -36.69
N LEU B 20 -16.82 -4.49 -35.81
CA LEU B 20 -16.15 -5.52 -35.03
C LEU B 20 -16.64 -5.48 -33.59
N SER B 21 -16.56 -6.63 -32.93
CA SER B 21 -16.96 -6.77 -31.53
C SER B 21 -15.87 -7.49 -30.76
N CYS B 22 -15.72 -7.13 -29.49
CA CYS B 22 -14.71 -7.74 -28.62
C CYS B 22 -15.35 -7.94 -27.25
N ALA B 23 -15.77 -9.17 -26.98
CA ALA B 23 -16.37 -9.50 -25.69
C ALA B 23 -15.29 -9.79 -24.66
N ALA B 24 -15.45 -9.23 -23.47
CA ALA B 24 -14.47 -9.34 -22.40
C ALA B 24 -15.03 -10.15 -21.25
N SER B 25 -14.18 -10.95 -20.62
CA SER B 25 -14.57 -11.79 -19.50
C SER B 25 -13.42 -11.89 -18.52
N GLY B 26 -13.75 -12.12 -17.25
CA GLY B 26 -12.76 -12.35 -16.23
C GLY B 26 -12.15 -11.12 -15.61
N PHE B 27 -12.53 -9.92 -16.06
CA PHE B 27 -11.99 -8.69 -15.49
C PHE B 27 -13.02 -7.59 -15.65
N THR B 28 -12.86 -6.54 -14.84
CA THR B 28 -13.78 -5.41 -14.87
C THR B 28 -13.56 -4.59 -16.12
N PHE B 29 -14.56 -4.56 -17.01
CA PHE B 29 -14.46 -3.82 -18.26
C PHE B 29 -14.78 -2.34 -18.02
N SER B 30 -14.16 -1.76 -16.99
CA SER B 30 -14.31 -0.33 -16.72
C SER B 30 -13.01 0.34 -16.29
N LYS B 31 -12.04 -0.39 -15.77
CA LYS B 31 -10.79 0.17 -15.27
C LYS B 31 -9.66 0.04 -16.27
N TYR B 32 -9.95 -0.30 -17.52
CA TYR B 32 -8.91 -0.56 -18.50
C TYR B 32 -9.18 0.21 -19.78
N ILE B 33 -8.11 0.59 -20.45
CA ILE B 33 -8.19 1.18 -21.78
C ILE B 33 -8.29 0.06 -22.80
N MET B 34 -9.27 0.17 -23.70
CA MET B 34 -9.49 -0.84 -24.73
C MET B 34 -9.03 -0.30 -26.07
N GLN B 35 -8.30 -1.13 -26.81
CA GLN B 35 -7.62 -0.71 -28.03
C GLN B 35 -7.89 -1.70 -29.15
N TRP B 36 -7.72 -1.21 -30.37
CA TRP B 36 -7.70 -2.05 -31.56
C TRP B 36 -6.32 -1.94 -32.21
N VAL B 37 -5.71 -3.09 -32.47
CA VAL B 37 -4.43 -3.17 -33.16
C VAL B 37 -4.60 -4.15 -34.32
N ARG B 38 -4.15 -3.75 -35.51
CA ARG B 38 -4.35 -4.57 -36.69
C ARG B 38 -3.02 -5.11 -37.22
N GLN B 39 -3.07 -6.34 -37.69
CA GLN B 39 -1.93 -7.08 -38.25
C GLN B 39 -2.21 -7.35 -39.71
N ALA B 40 -1.70 -6.51 -40.60
CA ALA B 40 -1.82 -6.77 -42.02
C ALA B 40 -0.96 -7.98 -42.40
N PRO B 41 -1.39 -8.77 -43.40
CA PRO B 41 -0.65 -9.99 -43.73
C PRO B 41 0.78 -9.73 -44.16
N GLY B 42 1.75 -10.27 -43.39
CA GLY B 42 3.15 -10.13 -43.70
C GLY B 42 3.81 -8.86 -43.20
N LYS B 43 3.07 -8.01 -42.50
CA LYS B 43 3.56 -6.73 -41.98
C LYS B 43 3.69 -6.81 -40.46
N GLY B 44 3.88 -5.65 -39.83
CA GLY B 44 3.95 -5.55 -38.40
C GLY B 44 2.64 -5.08 -37.77
N LEU B 45 2.71 -4.81 -36.47
CA LEU B 45 1.56 -4.32 -35.72
C LEU B 45 1.26 -2.86 -36.06
N GLU B 46 0.00 -2.48 -35.92
CA GLU B 46 -0.44 -1.11 -36.16
C GLU B 46 -1.57 -0.77 -35.21
N TRP B 47 -1.32 0.19 -34.32
CA TRP B 47 -2.34 0.67 -33.38
C TRP B 47 -3.41 1.47 -34.12
N VAL B 48 -4.67 1.15 -33.86
CA VAL B 48 -5.80 1.73 -34.58
C VAL B 48 -6.55 2.75 -33.73
N SER B 49 -7.11 2.32 -32.61
CA SER B 49 -8.00 3.17 -31.82
C SER B 49 -7.87 2.84 -30.35
N GLY B 50 -8.28 3.80 -29.52
CA GLY B 50 -8.28 3.61 -28.08
C GLY B 50 -9.44 4.38 -27.47
N ILE B 51 -9.90 3.91 -26.32
CA ILE B 51 -11.05 4.50 -25.64
C ILE B 51 -10.75 4.62 -24.14
N ASP B 52 -11.32 5.67 -23.54
CA ASP B 52 -11.11 5.99 -22.11
C ASP B 52 -9.64 6.17 -21.79
N ILE B 53 -8.92 6.86 -22.66
CA ILE B 53 -7.53 7.21 -22.38
C ILE B 53 -7.50 8.51 -21.58
N PRO B 54 -6.81 8.56 -20.44
CA PRO B 54 -6.84 9.77 -19.61
C PRO B 54 -6.32 11.00 -20.35
N THR B 55 -6.94 12.14 -20.04
CA THR B 55 -6.76 13.44 -20.69
C THR B 55 -7.32 13.46 -22.10
N LYS B 56 -7.81 12.33 -22.61
CA LYS B 56 -8.44 12.25 -23.92
C LYS B 56 -9.79 11.54 -23.77
N GLY B 57 -10.58 11.55 -24.83
CA GLY B 57 -11.79 10.76 -24.83
C GLY B 57 -11.65 9.52 -25.70
N THR B 58 -11.07 9.71 -26.88
CA THR B 58 -10.94 8.67 -27.88
C THR B 58 -9.87 9.08 -28.88
N VAL B 59 -8.90 8.19 -29.11
CA VAL B 59 -7.75 8.49 -29.97
C VAL B 59 -7.78 7.56 -31.17
N TYR B 60 -7.53 8.13 -32.35
CA TYR B 60 -7.53 7.39 -33.60
C TYR B 60 -6.19 7.59 -34.31
N ALA B 61 -5.75 6.54 -34.99
CA ALA B 61 -4.61 6.67 -35.89
C ALA B 61 -4.99 7.51 -37.10
N ASP B 62 -4.00 8.19 -37.67
CA ASP B 62 -4.27 9.08 -38.79
C ASP B 62 -4.77 8.32 -40.02
N SER B 63 -4.35 7.07 -40.18
CA SER B 63 -4.76 6.29 -41.34
C SER B 63 -6.22 5.87 -41.29
N VAL B 64 -6.84 5.88 -40.10
CA VAL B 64 -8.23 5.49 -39.94
C VAL B 64 -9.10 6.62 -39.40
N LYS B 65 -8.55 7.82 -39.24
CA LYS B 65 -9.31 8.93 -38.68
C LYS B 65 -10.42 9.34 -39.64
N GLY B 66 -11.62 9.55 -39.10
CA GLY B 66 -12.77 9.92 -39.90
C GLY B 66 -13.51 8.78 -40.57
N ARG B 67 -13.02 7.54 -40.42
CA ARG B 67 -13.66 6.39 -41.03
C ARG B 67 -14.00 5.33 -40.00
N PHE B 68 -13.20 5.24 -38.95
CA PHE B 68 -13.35 4.23 -37.91
C PHE B 68 -13.92 4.88 -36.64
N THR B 69 -14.82 4.18 -35.98
CA THR B 69 -15.41 4.64 -34.72
C THR B 69 -15.35 3.52 -33.71
N ILE B 70 -14.71 3.78 -32.56
CA ILE B 70 -14.59 2.83 -31.47
C ILE B 70 -15.52 3.26 -30.35
N SER B 71 -16.23 2.30 -29.77
CA SER B 71 -17.20 2.58 -28.72
C SER B 71 -17.27 1.39 -27.78
N ARG B 72 -17.88 1.61 -26.63
CA ARG B 72 -18.01 0.60 -25.59
C ARG B 72 -19.48 0.35 -25.25
N ASP B 73 -19.74 -0.84 -24.72
CA ASP B 73 -20.97 -1.17 -24.02
C ASP B 73 -20.52 -1.81 -22.71
N ASN B 74 -20.32 -0.99 -21.68
CA ASN B 74 -19.80 -1.49 -20.42
C ASN B 74 -20.75 -2.46 -19.76
N SER B 75 -22.06 -2.28 -19.96
CA SER B 75 -23.03 -3.25 -19.43
C SER B 75 -22.86 -4.61 -20.09
N LYS B 76 -22.62 -4.64 -21.40
CA LYS B 76 -22.37 -5.88 -22.11
C LYS B 76 -20.91 -6.32 -22.03
N ASN B 77 -20.03 -5.51 -21.44
CA ASN B 77 -18.61 -5.83 -21.31
C ASN B 77 -17.96 -6.10 -22.67
N THR B 78 -18.37 -5.32 -23.67
CA THR B 78 -17.92 -5.54 -25.04
C THR B 78 -17.41 -4.23 -25.64
N LEU B 79 -16.54 -4.37 -26.63
CA LEU B 79 -15.92 -3.24 -27.33
C LEU B 79 -16.23 -3.34 -28.82
N TYR B 80 -16.54 -2.19 -29.42
CA TYR B 80 -16.93 -2.14 -30.82
C TYR B 80 -15.91 -1.37 -31.64
N LEU B 81 -15.93 -1.63 -32.95
CA LEU B 81 -15.12 -0.88 -33.91
C LEU B 81 -15.92 -0.80 -35.20
N GLN B 82 -16.56 0.35 -35.43
CA GLN B 82 -17.34 0.60 -36.63
C GLN B 82 -16.39 1.10 -37.73
N MET B 83 -16.15 0.25 -38.71
CA MET B 83 -15.23 0.57 -39.80
C MET B 83 -16.02 0.94 -41.04
N ASN B 84 -15.81 2.15 -41.55
CA ASN B 84 -16.51 2.65 -42.72
C ASN B 84 -15.52 3.04 -43.80
N SER B 85 -15.99 3.05 -45.04
CA SER B 85 -15.17 3.40 -46.21
C SER B 85 -13.91 2.55 -46.26
N LEU B 86 -14.09 1.25 -46.03
CA LEU B 86 -12.98 0.32 -45.92
C LEU B 86 -12.26 0.20 -47.26
N ARG B 87 -11.07 0.78 -47.36
CA ARG B 87 -10.29 0.72 -48.59
C ARG B 87 -9.42 -0.54 -48.58
N ALA B 88 -8.56 -0.66 -49.61
CA ALA B 88 -7.91 -1.94 -49.88
C ALA B 88 -6.91 -2.34 -48.81
N GLU B 89 -6.10 -1.40 -48.31
CA GLU B 89 -5.07 -1.72 -47.33
C GLU B 89 -5.59 -1.69 -45.89
N ASP B 90 -6.90 -1.90 -45.70
CA ASP B 90 -7.46 -2.14 -44.38
C ASP B 90 -7.56 -3.62 -44.06
N THR B 91 -7.09 -4.48 -44.96
CA THR B 91 -7.05 -5.91 -44.69
C THR B 91 -6.02 -6.19 -43.60
N ALA B 92 -6.44 -6.91 -42.57
CA ALA B 92 -5.57 -7.20 -41.44
C ALA B 92 -6.26 -8.20 -40.53
N VAL B 93 -5.52 -8.66 -39.53
CA VAL B 93 -6.08 -9.38 -38.39
C VAL B 93 -6.20 -8.36 -37.27
N TYR B 94 -7.44 -8.02 -36.91
CA TYR B 94 -7.69 -6.96 -35.94
C TYR B 94 -7.70 -7.54 -34.54
N TYR B 95 -6.90 -6.95 -33.65
CA TYR B 95 -6.74 -7.42 -32.30
C TYR B 95 -7.38 -6.46 -31.31
N CYS B 96 -7.92 -7.01 -30.23
CA CYS B 96 -8.49 -6.25 -29.13
C CYS B 96 -7.65 -6.51 -27.89
N ALA B 97 -7.18 -5.43 -27.25
CA ALA B 97 -6.27 -5.55 -26.12
C ALA B 97 -6.64 -4.52 -25.05
N ARG B 98 -6.15 -4.74 -23.84
CA ARG B 98 -6.39 -3.85 -22.72
C ARG B 98 -5.07 -3.36 -22.13
N ALA B 99 -5.13 -2.15 -21.57
CA ALA B 99 -4.00 -1.56 -20.87
C ALA B 99 -4.52 -0.86 -19.62
N LEU B 100 -3.79 -1.00 -18.51
CA LEU B 100 -4.17 -0.38 -17.25
C LEU B 100 -3.65 1.04 -17.20
N PRO B 101 -4.51 2.03 -16.97
CA PRO B 101 -4.03 3.41 -16.85
C PRO B 101 -3.35 3.68 -15.51
N ARG B 102 -2.52 4.72 -15.51
CA ARG B 102 -1.88 5.20 -14.29
C ARG B 102 -2.86 6.05 -13.51
N SER B 103 -2.84 5.91 -12.18
CA SER B 103 -3.89 6.47 -11.34
C SER B 103 -3.40 7.60 -10.45
N GLY B 104 -2.42 7.35 -9.58
CA GLY B 104 -2.05 8.36 -8.60
C GLY B 104 -0.56 8.49 -8.33
N TYR B 105 -0.20 8.57 -7.05
CA TYR B 105 1.19 8.77 -6.69
C TYR B 105 2.01 7.50 -6.93
N LEU B 106 1.49 6.34 -6.56
CA LEU B 106 2.27 5.13 -6.50
C LEU B 106 2.25 4.38 -7.82
N ILE B 107 3.43 3.88 -8.21
CA ILE B 107 3.56 2.89 -9.28
C ILE B 107 4.07 1.60 -8.65
N SER B 108 3.37 0.51 -8.89
CA SER B 108 3.71 -0.76 -8.27
C SER B 108 4.19 -1.77 -9.31
N PRO B 109 5.13 -2.64 -8.94
CA PRO B 109 5.54 -3.70 -9.86
C PRO B 109 4.44 -4.71 -10.16
N HIS B 110 3.39 -4.77 -9.32
CA HIS B 110 2.30 -5.70 -9.56
C HIS B 110 1.45 -5.33 -10.76
N TYR B 111 1.36 -4.05 -11.10
CA TYR B 111 0.40 -3.55 -12.07
C TYR B 111 1.14 -2.91 -13.24
N TYR B 112 0.66 -3.21 -14.44
CA TYR B 112 1.43 -3.10 -15.67
C TYR B 112 0.84 -1.92 -16.44
N TYR B 113 1.37 -0.72 -16.20
CA TYR B 113 0.70 0.47 -16.68
C TYR B 113 1.00 0.74 -18.14
N TYR B 114 -0.07 0.99 -18.92
CA TYR B 114 0.01 1.32 -20.34
C TYR B 114 0.73 0.25 -21.16
N ALA B 115 0.76 -0.97 -20.64
CA ALA B 115 1.31 -2.12 -21.34
C ALA B 115 0.18 -3.04 -21.76
N LEU B 116 0.30 -3.60 -22.96
CA LEU B 116 -0.74 -4.46 -23.53
C LEU B 116 -0.51 -5.88 -23.03
N ASP B 117 -0.97 -6.14 -21.80
CA ASP B 117 -0.69 -7.42 -21.16
C ASP B 117 -1.59 -8.53 -21.70
N VAL B 118 -2.86 -8.25 -21.94
CA VAL B 118 -3.83 -9.24 -22.41
C VAL B 118 -4.33 -8.83 -23.78
N TRP B 119 -4.29 -9.76 -24.72
CA TRP B 119 -4.78 -9.57 -26.08
C TRP B 119 -5.92 -10.55 -26.35
N GLY B 120 -6.48 -10.46 -27.55
CA GLY B 120 -7.44 -11.42 -28.04
C GLY B 120 -6.84 -12.30 -29.13
N GLN B 121 -7.66 -13.25 -29.58
CA GLN B 121 -7.21 -14.18 -30.62
C GLN B 121 -7.05 -13.48 -31.96
N GLY B 122 -7.93 -12.56 -32.28
CA GLY B 122 -7.83 -11.80 -33.52
C GLY B 122 -8.89 -12.24 -34.51
N THR B 123 -9.44 -11.28 -35.24
CA THR B 123 -10.43 -11.53 -36.27
C THR B 123 -9.92 -11.00 -37.61
N THR B 124 -10.17 -11.76 -38.67
CA THR B 124 -9.60 -11.47 -39.98
C THR B 124 -10.59 -10.66 -40.80
N VAL B 125 -10.13 -9.52 -41.31
CA VAL B 125 -10.92 -8.65 -42.17
C VAL B 125 -10.29 -8.64 -43.54
N THR B 126 -11.09 -8.95 -44.56
CA THR B 126 -10.62 -8.97 -45.95
C THR B 126 -11.44 -7.97 -46.75
N VAL B 127 -10.75 -7.00 -47.35
CA VAL B 127 -11.40 -6.00 -48.20
C VAL B 127 -10.92 -6.22 -49.63
N SER B 128 -11.69 -6.97 -50.41
CA SER B 128 -11.33 -7.30 -51.78
C SER B 128 -12.55 -7.23 -52.67
N SER B 129 -12.32 -7.03 -53.96
CA SER B 129 -13.39 -6.96 -54.94
C SER B 129 -13.47 -8.25 -55.76
N SER C 2 4.60 9.80 -35.33
CA SER C 2 5.77 9.14 -34.76
C SER C 2 6.03 7.81 -35.45
N VAL C 3 7.26 7.32 -35.33
CA VAL C 3 7.63 6.02 -35.88
C VAL C 3 8.85 5.52 -35.13
N LEU C 4 8.96 4.20 -34.99
CA LEU C 4 10.08 3.56 -34.33
C LEU C 4 10.80 2.67 -35.32
N THR C 5 12.13 2.75 -35.33
CA THR C 5 12.95 2.04 -36.30
C THR C 5 13.56 0.80 -35.65
N GLN C 6 13.36 -0.35 -36.29
CA GLN C 6 13.86 -1.62 -35.82
C GLN C 6 14.55 -2.35 -36.97
N PRO C 7 15.58 -3.13 -36.68
CA PRO C 7 16.21 -3.96 -37.71
C PRO C 7 15.21 -4.96 -38.27
N PRO C 8 15.25 -5.23 -39.58
CA PRO C 8 14.30 -6.18 -40.16
C PRO C 8 14.40 -7.57 -39.57
N SER C 9 15.58 -8.02 -39.17
CA SER C 9 15.76 -9.38 -38.70
C SER C 9 17.01 -9.47 -37.84
N ALA C 10 17.13 -10.58 -37.13
CA ALA C 10 18.32 -10.89 -36.34
C ALA C 10 18.48 -12.40 -36.29
N SER C 11 19.70 -12.85 -36.00
CA SER C 11 20.01 -14.27 -36.02
C SER C 11 20.83 -14.63 -34.79
N GLY C 12 20.77 -15.90 -34.43
CA GLY C 12 21.52 -16.40 -33.29
C GLY C 12 21.50 -17.90 -33.24
N THR C 13 22.44 -18.44 -32.47
CA THR C 13 22.66 -19.83 -32.13
C THR C 13 22.12 -20.13 -30.73
N PRO C 14 21.53 -21.29 -30.49
CA PRO C 14 21.04 -21.60 -29.14
C PRO C 14 22.15 -21.50 -28.11
N GLY C 15 21.81 -20.85 -26.98
CA GLY C 15 22.77 -20.58 -25.94
C GLY C 15 23.50 -19.25 -26.06
N GLN C 16 23.36 -18.56 -27.18
CA GLN C 16 24.04 -17.28 -27.39
C GLN C 16 23.23 -16.15 -26.76
N ARG C 17 23.62 -14.91 -27.05
CA ARG C 17 22.91 -13.73 -26.57
C ARG C 17 22.78 -12.76 -27.73
N VAL C 18 21.54 -12.43 -28.08
CA VAL C 18 21.27 -11.49 -29.18
C VAL C 18 20.63 -10.24 -28.60
N THR C 19 20.75 -9.14 -29.35
CA THR C 19 20.22 -7.85 -28.95
C THR C 19 19.30 -7.32 -30.04
N ILE C 20 18.11 -6.91 -29.64
CA ILE C 20 17.16 -6.24 -30.54
C ILE C 20 17.11 -4.77 -30.13
N SER C 21 17.38 -3.89 -31.08
CA SER C 21 17.45 -2.46 -30.81
C SER C 21 16.26 -1.74 -31.44
N CYS C 22 15.81 -0.70 -30.76
CA CYS C 22 14.75 0.17 -31.25
C CYS C 22 15.23 1.60 -31.21
N SER C 23 15.04 2.33 -32.30
CA SER C 23 15.44 3.72 -32.41
C SER C 23 14.20 4.58 -32.57
N GLY C 24 14.13 5.66 -31.79
CA GLY C 24 12.99 6.56 -31.85
C GLY C 24 13.40 8.01 -31.86
N SER C 25 12.46 8.90 -31.53
CA SER C 25 12.70 10.33 -31.49
C SER C 25 12.49 10.83 -30.06
N SER C 26 12.51 12.15 -29.91
CA SER C 26 12.35 12.78 -28.61
C SER C 26 10.89 12.93 -28.20
N SER C 27 9.95 12.50 -29.04
CA SER C 27 8.53 12.62 -28.73
C SER C 27 7.90 11.31 -28.28
N ASN C 28 8.54 10.17 -28.53
CA ASN C 28 7.99 8.88 -28.14
C ASN C 28 8.88 8.13 -27.16
N ILE C 29 10.15 7.91 -27.50
CA ILE C 29 11.04 7.09 -26.66
C ILE C 29 11.77 7.93 -25.64
N GLY C 30 12.34 9.05 -26.06
CA GLY C 30 13.07 9.91 -25.13
C GLY C 30 12.19 10.66 -24.15
N ARG C 31 10.87 10.64 -24.35
CA ARG C 31 9.93 11.35 -23.51
C ARG C 31 8.98 10.41 -22.77
N ASN C 32 9.10 9.10 -22.96
CA ASN C 32 8.12 8.16 -22.42
C ASN C 32 8.74 6.78 -22.32
N TYR C 33 7.98 5.86 -21.72
CA TYR C 33 8.43 4.49 -21.51
C TYR C 33 8.49 3.73 -22.85
N VAL C 34 9.16 2.59 -22.82
CA VAL C 34 9.28 1.70 -23.97
C VAL C 34 8.77 0.33 -23.56
N TYR C 35 8.09 -0.35 -24.49
CA TYR C 35 7.48 -1.64 -24.25
C TYR C 35 7.92 -2.62 -25.32
N TRP C 36 7.98 -3.90 -24.96
CA TRP C 36 8.41 -4.95 -25.86
C TRP C 36 7.36 -6.06 -25.90
N TYR C 37 7.09 -6.57 -27.10
CA TYR C 37 6.11 -7.62 -27.31
C TYR C 37 6.72 -8.69 -28.22
N GLN C 38 6.39 -9.94 -27.93
CA GLN C 38 6.82 -11.07 -28.76
C GLN C 38 5.60 -11.74 -29.36
N GLN C 39 5.71 -12.11 -30.64
CA GLN C 39 4.60 -12.71 -31.38
C GLN C 39 5.11 -13.94 -32.12
N LEU C 40 4.73 -15.12 -31.64
CA LEU C 40 4.96 -16.35 -32.38
C LEU C 40 4.04 -16.38 -33.59
N PRO C 41 4.41 -17.12 -34.65
CA PRO C 41 3.55 -17.18 -35.83
C PRO C 41 2.17 -17.73 -35.50
N GLY C 42 1.14 -17.08 -36.04
CA GLY C 42 -0.22 -17.50 -35.84
C GLY C 42 -0.82 -17.22 -34.48
N THR C 43 -0.13 -16.44 -33.63
CA THR C 43 -0.60 -16.16 -32.28
C THR C 43 -0.62 -14.65 -32.04
N ALA C 44 -1.32 -14.26 -30.98
CA ALA C 44 -1.38 -12.87 -30.60
C ALA C 44 -0.05 -12.42 -29.97
N PRO C 45 0.25 -11.12 -30.00
CA PRO C 45 1.45 -10.62 -29.34
C PRO C 45 1.40 -10.85 -27.83
N LYS C 46 2.58 -11.03 -27.25
CA LYS C 46 2.73 -11.27 -25.82
C LYS C 46 3.62 -10.21 -25.21
N LEU C 47 3.18 -9.62 -24.10
CA LEU C 47 3.95 -8.58 -23.44
C LEU C 47 5.22 -9.16 -22.84
N LEU C 48 6.36 -8.53 -23.15
CA LEU C 48 7.66 -8.96 -22.65
C LEU C 48 8.26 -7.96 -21.65
N ILE C 49 8.34 -6.69 -22.03
CA ILE C 49 8.96 -5.66 -21.21
C ILE C 49 8.02 -4.47 -21.14
N TYR C 50 7.87 -3.90 -19.95
CA TYR C 50 7.18 -2.62 -19.77
C TYR C 50 8.04 -1.73 -18.89
N SER C 51 7.85 -0.41 -19.03
CA SER C 51 8.58 0.60 -18.26
C SER C 51 10.08 0.51 -18.50
N ASN C 52 10.46 0.06 -19.70
CA ASN C 52 11.81 -0.02 -20.24
C ASN C 52 12.69 -1.08 -19.59
N ASN C 53 12.30 -1.61 -18.43
CA ASN C 53 13.12 -2.63 -17.81
C ASN C 53 12.35 -3.66 -17.00
N GLN C 54 11.02 -3.61 -16.94
CA GLN C 54 10.25 -4.45 -16.04
C GLN C 54 9.59 -5.59 -16.80
N ARG C 55 9.59 -6.77 -16.19
CA ARG C 55 9.05 -7.98 -16.80
C ARG C 55 7.75 -8.38 -16.12
N PRO C 56 6.70 -8.69 -16.88
CA PRO C 56 5.53 -9.33 -16.28
C PRO C 56 5.87 -10.72 -15.77
N SER C 57 5.14 -11.13 -14.74
CA SER C 57 5.34 -12.45 -14.14
C SER C 57 5.06 -13.54 -15.17
N GLY C 58 5.95 -14.53 -15.22
CA GLY C 58 5.89 -15.59 -16.20
C GLY C 58 6.88 -15.46 -17.34
N VAL C 59 7.45 -14.27 -17.51
CA VAL C 59 8.49 -14.02 -18.51
C VAL C 59 9.84 -14.31 -17.86
N PRO C 60 10.70 -15.12 -18.49
CA PRO C 60 11.97 -15.49 -17.86
C PRO C 60 12.87 -14.29 -17.61
N ASP C 61 13.72 -14.42 -16.60
CA ASP C 61 14.68 -13.37 -16.27
C ASP C 61 15.68 -13.13 -17.40
N ARG C 62 15.80 -14.07 -18.33
CA ARG C 62 16.77 -13.95 -19.41
C ARG C 62 16.41 -12.87 -20.42
N PHE C 63 15.20 -12.33 -20.37
CA PHE C 63 14.81 -11.19 -21.21
C PHE C 63 15.12 -9.90 -20.45
N SER C 64 15.92 -9.04 -21.06
CA SER C 64 16.35 -7.81 -20.43
C SER C 64 16.10 -6.64 -21.36
N GLY C 65 15.64 -5.53 -20.79
CA GLY C 65 15.40 -4.33 -21.56
C GLY C 65 16.04 -3.13 -20.91
N SER C 66 16.52 -2.22 -21.75
CA SER C 66 17.15 -0.98 -21.28
C SER C 66 16.77 0.15 -22.22
N LYS C 67 16.75 1.36 -21.67
CA LYS C 67 16.47 2.57 -22.43
C LYS C 67 17.55 3.61 -22.16
N SER C 68 17.99 4.28 -23.22
CA SER C 68 19.01 5.32 -23.11
C SER C 68 18.66 6.42 -24.11
N GLY C 69 18.01 7.48 -23.63
CA GLY C 69 17.61 8.58 -24.48
C GLY C 69 16.55 8.20 -25.49
N THR C 70 16.83 8.41 -26.77
CA THR C 70 15.88 8.12 -27.83
C THR C 70 16.03 6.71 -28.40
N SER C 71 16.90 5.88 -27.82
CA SER C 71 17.12 4.53 -28.28
C SER C 71 16.83 3.55 -27.16
N ALA C 72 16.28 2.39 -27.53
CA ALA C 72 16.00 1.31 -26.60
C ALA C 72 16.46 -0.01 -27.19
N SER C 73 16.79 -0.95 -26.32
CA SER C 73 17.30 -2.24 -26.76
C SER C 73 16.67 -3.36 -25.93
N LEU C 74 16.59 -4.54 -26.52
CA LEU C 74 16.14 -5.74 -25.84
C LEU C 74 17.20 -6.82 -26.02
N ALA C 75 17.60 -7.45 -24.92
CA ALA C 75 18.61 -8.49 -24.93
C ALA C 75 17.98 -9.81 -24.50
N ILE C 76 18.38 -10.88 -25.18
CA ILE C 76 17.91 -12.23 -24.87
C ILE C 76 19.15 -13.08 -24.63
N SER C 77 19.45 -13.35 -23.37
CA SER C 77 20.57 -14.21 -22.99
C SER C 77 20.06 -15.63 -22.74
N GLY C 78 20.98 -16.59 -22.86
CA GLY C 78 20.58 -17.99 -22.75
C GLY C 78 19.59 -18.36 -23.83
N LEU C 79 19.89 -17.96 -25.07
CA LEU C 79 18.95 -18.12 -26.17
C LEU C 79 18.55 -19.58 -26.37
N ARG C 80 17.26 -19.79 -26.60
CA ARG C 80 16.70 -21.10 -26.85
C ARG C 80 16.00 -21.12 -28.20
N SER C 81 15.58 -22.33 -28.61
CA SER C 81 14.86 -22.46 -29.88
C SER C 81 13.44 -21.93 -29.81
N GLU C 82 12.92 -21.72 -28.60
CA GLU C 82 11.57 -21.20 -28.43
C GLU C 82 11.50 -19.68 -28.53
N ASP C 83 12.63 -19.00 -28.73
CA ASP C 83 12.68 -17.56 -28.84
C ASP C 83 12.49 -17.07 -30.27
N GLU C 84 12.34 -17.98 -31.23
CA GLU C 84 12.10 -17.60 -32.63
C GLU C 84 10.71 -16.99 -32.72
N ALA C 85 10.65 -15.66 -32.86
CA ALA C 85 9.39 -14.95 -32.83
C ALA C 85 9.60 -13.56 -33.45
N ASP C 86 8.54 -12.75 -33.39
CA ASP C 86 8.58 -11.37 -33.83
C ASP C 86 8.65 -10.48 -32.60
N TYR C 87 9.57 -9.52 -32.62
CA TYR C 87 9.77 -8.63 -31.49
C TYR C 87 9.50 -7.19 -31.91
N TYR C 88 8.63 -6.52 -31.16
CA TYR C 88 8.20 -5.16 -31.46
C TYR C 88 8.49 -4.27 -30.26
N CYS C 89 9.03 -3.10 -30.51
CA CYS C 89 9.07 -2.05 -29.50
C CYS C 89 7.81 -1.21 -29.60
N ALA C 90 7.40 -0.64 -28.47
CA ALA C 90 6.18 0.13 -28.43
C ALA C 90 6.38 1.35 -27.52
N ALA C 91 5.57 2.37 -27.78
CA ALA C 91 5.58 3.60 -26.99
C ALA C 91 4.28 4.35 -27.27
N TRP C 92 4.11 5.48 -26.59
CA TRP C 92 3.00 6.39 -26.82
C TRP C 92 3.57 7.75 -27.21
N ASP C 93 2.94 8.40 -28.18
CA ASP C 93 3.44 9.66 -28.69
C ASP C 93 2.82 10.81 -27.89
N ALA C 94 2.98 12.04 -28.39
CA ALA C 94 2.50 13.21 -27.66
C ALA C 94 0.98 13.15 -27.47
N SER C 95 0.24 12.74 -28.49
CA SER C 95 -1.20 12.56 -28.36
C SER C 95 -1.54 11.13 -27.97
N LEU C 96 -0.86 10.62 -26.95
CA LEU C 96 -0.99 9.24 -26.48
C LEU C 96 -0.76 8.27 -27.64
N ARG C 97 -1.81 7.64 -28.14
CA ARG C 97 -1.81 7.02 -29.47
C ARG C 97 -0.63 6.05 -29.64
N GLY C 98 -0.71 4.94 -28.91
CA GLY C 98 0.32 3.92 -28.93
C GLY C 98 0.99 3.66 -30.27
N VAL C 99 2.32 3.55 -30.27
CA VAL C 99 3.11 3.42 -31.49
C VAL C 99 3.88 2.10 -31.42
N PHE C 100 3.99 1.43 -32.57
CA PHE C 100 4.71 0.17 -32.67
C PHE C 100 5.89 0.31 -33.62
N GLY C 101 6.94 -0.45 -33.33
CA GLY C 101 8.07 -0.52 -34.23
C GLY C 101 7.81 -1.42 -35.42
N GLY C 102 8.77 -1.43 -36.35
CA GLY C 102 8.62 -2.23 -37.55
C GLY C 102 8.57 -3.72 -37.28
N GLY C 103 9.31 -4.18 -36.27
CA GLY C 103 9.40 -5.59 -35.97
C GLY C 103 10.72 -6.16 -36.42
N THR C 104 11.20 -7.16 -35.67
CA THR C 104 12.46 -7.84 -35.96
C THR C 104 12.21 -9.34 -36.02
N LYS C 105 12.73 -9.98 -37.06
CA LYS C 105 12.66 -11.43 -37.21
C LYS C 105 13.86 -12.04 -36.51
N LEU C 106 13.64 -12.60 -35.32
CA LEU C 106 14.69 -13.31 -34.60
C LEU C 106 14.68 -14.76 -35.05
N THR C 107 15.82 -15.24 -35.54
CA THR C 107 15.97 -16.61 -36.00
C THR C 107 16.96 -17.34 -35.10
N VAL C 108 16.63 -18.58 -34.74
CA VAL C 108 17.45 -19.41 -33.88
C VAL C 108 18.08 -20.48 -34.77
N LEU C 109 19.36 -20.31 -35.10
CA LEU C 109 20.06 -21.26 -35.94
C LEU C 109 20.95 -22.19 -35.11
N VAL D 2 13.98 11.28 16.36
CA VAL D 2 13.33 10.46 17.37
C VAL D 2 14.22 10.33 18.59
N GLN D 3 13.73 10.82 19.73
CA GLN D 3 14.54 10.87 20.94
C GLN D 3 13.64 10.72 22.16
N LEU D 4 14.15 10.01 23.17
CA LEU D 4 13.45 9.82 24.44
C LEU D 4 14.40 10.21 25.56
N LEU D 5 13.91 11.02 26.50
CA LEU D 5 14.73 11.54 27.59
C LEU D 5 14.05 11.25 28.92
N GLU D 6 14.73 10.51 29.78
CA GLU D 6 14.22 10.17 31.10
C GLU D 6 14.75 11.12 32.15
N SER D 7 13.95 11.31 33.20
CA SER D 7 14.34 12.17 34.32
C SER D 7 13.55 11.74 35.55
N GLY D 8 13.99 12.25 36.70
CA GLY D 8 13.33 11.98 37.96
C GLY D 8 14.00 10.96 38.85
N GLY D 9 15.13 10.39 38.43
CA GLY D 9 15.82 9.42 39.26
C GLY D 9 16.62 10.06 40.37
N GLY D 10 16.88 9.28 41.41
CA GLY D 10 17.64 9.76 42.53
C GLY D 10 17.58 8.79 43.69
N LEU D 11 18.19 9.22 44.80
CA LEU D 11 18.26 8.39 46.01
C LEU D 11 16.99 8.59 46.83
N VAL D 12 16.30 7.49 47.14
CA VAL D 12 15.06 7.52 47.90
C VAL D 12 15.17 6.56 49.07
N GLN D 13 14.63 6.96 50.21
CA GLN D 13 14.56 6.05 51.34
C GLN D 13 13.54 4.94 51.07
N PRO D 14 13.75 3.76 51.63
CA PRO D 14 12.78 2.67 51.44
C PRO D 14 11.40 3.07 51.96
N GLY D 15 10.37 2.66 51.23
CA GLY D 15 9.01 3.06 51.54
C GLY D 15 8.61 4.42 51.02
N GLY D 16 9.50 5.12 50.31
CA GLY D 16 9.21 6.44 49.80
C GLY D 16 8.46 6.40 48.48
N SER D 17 8.42 7.55 47.82
CA SER D 17 7.72 7.71 46.56
C SER D 17 8.62 8.48 45.58
N LEU D 18 8.38 8.24 44.30
CA LEU D 18 9.16 8.89 43.25
C LEU D 18 8.34 8.86 41.96
N ARG D 19 8.56 9.88 41.13
CA ARG D 19 7.87 9.99 39.85
C ARG D 19 8.91 10.19 38.75
N LEU D 20 8.78 9.41 37.69
CA LEU D 20 9.67 9.48 36.53
C LEU D 20 8.97 10.16 35.37
N SER D 21 9.77 10.78 34.50
CA SER D 21 9.27 11.46 33.33
C SER D 21 10.08 11.04 32.11
N CYS D 22 9.41 10.98 30.96
CA CYS D 22 10.05 10.58 29.70
C CYS D 22 9.53 11.50 28.60
N ALA D 23 10.32 12.50 28.24
CA ALA D 23 9.94 13.43 27.19
C ALA D 23 10.28 12.83 25.82
N ALA D 24 9.35 12.95 24.88
CA ALA D 24 9.49 12.38 23.55
C ALA D 24 9.59 13.48 22.51
N SER D 25 10.42 13.25 21.49
CA SER D 25 10.60 14.21 20.42
C SER D 25 10.84 13.46 19.11
N GLY D 26 10.48 14.12 18.01
CA GLY D 26 10.74 13.58 16.69
C GLY D 26 9.73 12.59 16.17
N PHE D 27 8.70 12.25 16.95
CA PHE D 27 7.68 11.32 16.49
C PHE D 27 6.37 11.65 17.19
N THR D 28 5.27 11.17 16.60
CA THR D 28 3.94 11.42 17.15
C THR D 28 3.75 10.58 18.41
N PHE D 29 3.60 11.24 19.55
CA PHE D 29 3.42 10.55 20.83
C PHE D 29 1.95 10.17 21.00
N SER D 30 1.36 9.57 19.97
CA SER D 30 0.00 9.06 20.04
C SER D 30 -0.20 7.72 19.36
N LYS D 31 0.65 7.34 18.41
CA LYS D 31 0.51 6.11 17.66
C LYS D 31 1.41 5.00 18.19
N TYR D 32 1.99 5.16 19.37
CA TYR D 32 2.94 4.20 19.89
C TYR D 32 2.60 3.82 21.32
N ILE D 33 2.92 2.57 21.66
CA ILE D 33 2.81 2.10 23.03
C ILE D 33 4.06 2.53 23.78
N MET D 34 3.87 3.13 24.96
CA MET D 34 4.98 3.60 25.78
C MET D 34 5.14 2.67 26.97
N GLN D 35 6.38 2.29 27.25
CA GLN D 35 6.70 1.27 28.24
C GLN D 35 7.80 1.75 29.17
N TRP D 36 7.85 1.14 30.35
CA TRP D 36 8.97 1.28 31.27
C TRP D 36 9.64 -0.07 31.43
N VAL D 37 10.95 -0.10 31.26
CA VAL D 37 11.76 -1.30 31.45
C VAL D 37 12.91 -0.92 32.38
N ARG D 38 13.13 -1.72 33.42
CA ARG D 38 14.14 -1.40 34.41
C ARG D 38 15.30 -2.39 34.35
N GLN D 39 16.50 -1.86 34.56
CA GLN D 39 17.76 -2.59 34.56
C GLN D 39 18.37 -2.50 35.95
N ALA D 40 18.14 -3.52 36.77
CA ALA D 40 18.79 -3.58 38.07
C ALA D 40 20.29 -3.82 37.90
N PRO D 41 21.11 -3.27 38.80
CA PRO D 41 22.56 -3.38 38.63
C PRO D 41 23.06 -4.82 38.60
N GLY D 42 23.65 -5.23 37.48
CA GLY D 42 24.20 -6.56 37.33
C GLY D 42 23.21 -7.63 36.91
N LYS D 43 21.96 -7.27 36.67
CA LYS D 43 20.90 -8.20 36.28
C LYS D 43 20.52 -7.96 34.83
N GLY D 44 19.39 -8.56 34.41
CA GLY D 44 18.87 -8.37 33.08
C GLY D 44 17.74 -7.36 33.03
N LEU D 45 17.11 -7.29 31.85
CA LEU D 45 15.98 -6.39 31.64
C LEU D 45 14.73 -6.89 32.34
N GLU D 46 13.85 -5.96 32.70
CA GLU D 46 12.57 -6.30 33.33
C GLU D 46 11.51 -5.30 32.89
N TRP D 47 10.51 -5.79 32.18
CA TRP D 47 9.40 -4.97 31.74
C TRP D 47 8.51 -4.58 32.93
N VAL D 48 8.20 -3.29 33.04
CA VAL D 48 7.49 -2.75 34.19
C VAL D 48 6.03 -2.43 33.85
N SER D 49 5.81 -1.51 32.91
CA SER D 49 4.46 -1.02 32.65
C SER D 49 4.32 -0.66 31.18
N GLY D 50 3.07 -0.61 30.74
CA GLY D 50 2.76 -0.22 29.37
C GLY D 50 1.43 0.51 29.34
N ILE D 51 1.27 1.36 28.32
CA ILE D 51 0.08 2.20 28.19
C ILE D 51 -0.38 2.19 26.74
N ASP D 52 -1.71 2.29 26.56
CA ASP D 52 -2.37 2.24 25.25
C ASP D 52 -2.04 0.96 24.51
N ILE D 53 -2.05 -0.16 25.21
CA ILE D 53 -1.89 -1.47 24.58
C ILE D 53 -3.25 -1.95 24.09
N PRO D 54 -3.38 -2.34 22.81
CA PRO D 54 -4.70 -2.72 22.30
C PRO D 54 -5.30 -3.89 23.06
N THR D 55 -6.62 -3.87 23.19
CA THR D 55 -7.46 -4.76 24.00
C THR D 55 -7.24 -4.58 25.49
N LYS D 56 -6.31 -3.71 25.90
CA LYS D 56 -6.06 -3.39 27.29
C LYS D 56 -6.04 -1.88 27.45
N GLY D 57 -6.02 -1.42 28.70
CA GLY D 57 -5.84 -0.01 28.93
C GLY D 57 -4.44 0.30 29.44
N THR D 58 -3.99 -0.52 30.38
CA THR D 58 -2.71 -0.34 31.07
C THR D 58 -2.30 -1.65 31.72
N VAL D 59 -1.07 -2.11 31.44
CA VAL D 59 -0.59 -3.39 31.91
C VAL D 59 0.59 -3.17 32.85
N TYR D 60 0.58 -3.88 33.96
CA TYR D 60 1.62 -3.78 34.98
C TYR D 60 2.23 -5.15 35.24
N ALA D 61 3.53 -5.18 35.51
CA ALA D 61 4.16 -6.40 35.99
C ALA D 61 3.68 -6.71 37.40
N ASP D 62 3.69 -7.99 37.75
CA ASP D 62 3.18 -8.41 39.05
C ASP D 62 4.03 -7.87 40.20
N SER D 63 5.33 -7.66 39.96
CA SER D 63 6.21 -7.16 41.00
C SER D 63 5.96 -5.70 41.35
N VAL D 64 5.31 -4.95 40.46
CA VAL D 64 5.03 -3.53 40.69
C VAL D 64 3.55 -3.23 40.70
N LYS D 65 2.68 -4.24 40.60
CA LYS D 65 1.25 -4.00 40.56
C LYS D 65 0.77 -3.44 41.89
N GLY D 66 -0.06 -2.41 41.83
CA GLY D 66 -0.58 -1.76 43.01
C GLY D 66 0.31 -0.73 43.63
N ARG D 67 1.52 -0.52 43.10
CA ARG D 67 2.44 0.47 43.64
C ARG D 67 2.88 1.47 42.58
N PHE D 68 2.93 1.03 41.33
CA PHE D 68 3.39 1.86 40.22
C PHE D 68 2.19 2.28 39.37
N THR D 69 2.21 3.53 38.91
CA THR D 69 1.18 4.05 38.03
C THR D 69 1.83 4.73 36.85
N ILE D 70 1.48 4.29 35.64
CA ILE D 70 1.99 4.86 34.40
C ILE D 70 0.89 5.67 33.75
N SER D 71 1.24 6.86 33.26
CA SER D 71 0.26 7.76 32.67
C SER D 71 0.94 8.58 31.58
N ARG D 72 0.13 9.23 30.75
CA ARG D 72 0.61 10.02 29.64
C ARG D 72 0.12 11.46 29.75
N ASP D 73 0.86 12.36 29.11
CA ASP D 73 0.42 13.71 28.80
C ASP D 73 0.72 13.89 27.31
N ASN D 74 -0.25 13.53 26.47
CA ASN D 74 -0.02 13.57 25.02
C ASN D 74 0.22 14.99 24.53
N SER D 75 -0.40 15.99 25.18
CA SER D 75 -0.14 17.37 24.82
C SER D 75 1.32 17.76 25.09
N LYS D 76 1.87 17.30 26.23
CA LYS D 76 3.27 17.53 26.55
C LYS D 76 4.20 16.52 25.91
N ASN D 77 3.67 15.50 25.24
CA ASN D 77 4.47 14.46 24.60
C ASN D 77 5.41 13.77 25.59
N THR D 78 4.91 13.53 26.79
CA THR D 78 5.71 12.99 27.87
C THR D 78 5.00 11.81 28.53
N LEU D 79 5.79 10.94 29.14
CA LEU D 79 5.30 9.73 29.79
C LEU D 79 5.74 9.74 31.25
N TYR D 80 4.84 9.34 32.14
CA TYR D 80 5.09 9.37 33.57
C TYR D 80 5.11 7.96 34.15
N LEU D 81 5.75 7.85 35.31
CA LEU D 81 5.76 6.61 36.09
C LEU D 81 5.77 6.99 37.56
N GLN D 82 4.61 6.94 38.20
CA GLN D 82 4.49 7.25 39.62
C GLN D 82 4.79 5.99 40.42
N MET D 83 5.94 5.98 41.09
CA MET D 83 6.39 4.83 41.86
C MET D 83 6.16 5.09 43.34
N ASN D 84 5.39 4.23 43.98
CA ASN D 84 5.04 4.36 45.39
C ASN D 84 5.46 3.10 46.14
N SER D 85 5.67 3.26 47.45
CA SER D 85 6.08 2.16 48.33
C SER D 85 7.34 1.46 47.79
N LEU D 86 8.30 2.29 47.38
CA LEU D 86 9.51 1.80 46.72
C LEU D 86 10.34 0.98 47.71
N ARG D 87 10.35 -0.34 47.52
CA ARG D 87 11.12 -1.22 48.39
C ARG D 87 12.54 -1.37 47.86
N ALA D 88 13.32 -2.23 48.51
CA ALA D 88 14.77 -2.24 48.29
C ALA D 88 15.16 -2.69 46.88
N GLU D 89 14.52 -3.73 46.35
CA GLU D 89 14.88 -4.27 45.04
C GLU D 89 14.18 -3.54 43.89
N ASP D 90 13.77 -2.29 44.10
CA ASP D 90 13.33 -1.44 43.01
C ASP D 90 14.45 -0.58 42.45
N THR D 91 15.66 -0.74 42.96
CA THR D 91 16.82 -0.05 42.41
C THR D 91 17.11 -0.57 41.01
N ALA D 92 17.21 0.34 40.05
CA ALA D 92 17.45 -0.05 38.67
C ALA D 92 17.73 1.20 37.86
N VAL D 93 18.11 0.99 36.61
CA VAL D 93 18.12 2.03 35.58
C VAL D 93 16.83 1.88 34.80
N TYR D 94 15.92 2.84 34.93
CA TYR D 94 14.61 2.74 34.33
C TYR D 94 14.63 3.31 32.92
N TYR D 95 14.16 2.52 31.96
CA TYR D 95 14.19 2.89 30.56
C TYR D 95 12.78 3.16 30.05
N CYS D 96 12.69 4.10 29.13
CA CYS D 96 11.45 4.44 28.45
C CYS D 96 11.60 4.10 26.97
N ALA D 97 10.66 3.32 26.44
CA ALA D 97 10.76 2.82 25.07
C ALA D 97 9.38 2.84 24.42
N ARG D 98 9.38 2.78 23.08
CA ARG D 98 8.15 2.79 22.31
C ARG D 98 8.06 1.55 21.44
N ALA D 99 6.83 1.11 21.17
CA ALA D 99 6.53 0.01 20.28
C ALA D 99 5.32 0.37 19.43
N LEU D 100 5.38 0.04 18.14
CA LEU D 100 4.29 0.32 17.23
C LEU D 100 3.26 -0.79 17.28
N PRO D 101 1.99 -0.50 17.56
CA PRO D 101 0.97 -1.54 17.57
C PRO D 101 0.58 -1.98 16.16
N ARG D 102 0.02 -3.18 16.10
CA ARG D 102 -0.53 -3.72 14.86
C ARG D 102 -1.91 -3.13 14.61
N SER D 103 -2.21 -2.81 13.36
CA SER D 103 -3.39 -2.02 13.04
C SER D 103 -4.46 -2.79 12.28
N GLY D 104 -4.14 -3.34 11.11
CA GLY D 104 -5.16 -3.95 10.28
C GLY D 104 -4.77 -5.22 9.58
N TYR D 105 -5.11 -5.33 8.30
CA TYR D 105 -4.83 -6.54 7.54
C TYR D 105 -3.34 -6.69 7.24
N LEU D 106 -2.69 -5.61 6.84
CA LEU D 106 -1.35 -5.68 6.28
C LEU D 106 -0.28 -5.58 7.36
N ILE D 107 0.74 -6.43 7.25
CA ILE D 107 1.98 -6.28 7.98
C ILE D 107 3.09 -5.97 6.97
N SER D 108 3.83 -4.90 7.22
CA SER D 108 4.84 -4.46 6.28
C SER D 108 6.24 -4.60 6.88
N PRO D 109 7.24 -4.92 6.06
CA PRO D 109 8.62 -4.94 6.57
C PRO D 109 9.13 -3.57 6.99
N HIS D 110 8.49 -2.49 6.56
CA HIS D 110 8.92 -1.15 6.94
C HIS D 110 8.65 -0.84 8.41
N TYR D 111 7.64 -1.45 9.00
CA TYR D 111 7.15 -1.06 10.31
C TYR D 111 7.28 -2.23 11.27
N TYR D 112 7.72 -1.91 12.48
CA TYR D 112 8.34 -2.87 13.39
C TYR D 112 7.37 -3.08 14.54
N TYR D 113 6.47 -4.06 14.39
CA TYR D 113 5.32 -4.15 15.27
C TYR D 113 5.70 -4.82 16.59
N TYR D 114 5.31 -4.18 17.69
CA TYR D 114 5.52 -4.68 19.06
C TYR D 114 6.98 -4.95 19.36
N ALA D 115 7.87 -4.29 18.64
CA ALA D 115 9.31 -4.35 18.86
C ALA D 115 9.77 -3.03 19.45
N LEU D 116 10.70 -3.10 20.40
CA LEU D 116 11.20 -1.92 21.09
C LEU D 116 12.35 -1.33 20.28
N ASP D 117 11.98 -0.59 19.24
CA ASP D 117 12.97 -0.07 18.30
C ASP D 117 13.74 1.11 18.86
N VAL D 118 13.06 2.02 19.57
CA VAL D 118 13.68 3.23 20.11
C VAL D 118 13.57 3.19 21.63
N TRP D 119 14.70 3.40 22.30
CA TRP D 119 14.79 3.46 23.75
C TRP D 119 15.26 4.85 24.17
N GLY D 120 15.34 5.05 25.49
CA GLY D 120 15.94 6.23 26.06
C GLY D 120 17.29 5.93 26.70
N GLN D 121 17.92 6.99 27.19
CA GLN D 121 19.23 6.85 27.81
C GLN D 121 19.14 6.09 29.14
N GLY D 122 18.09 6.36 29.91
CA GLY D 122 17.90 5.66 31.17
C GLY D 122 18.16 6.58 32.35
N THR D 123 17.35 6.44 33.39
CA THR D 123 17.51 7.22 34.62
C THR D 123 17.70 6.25 35.79
N THR D 124 18.60 6.62 36.70
CA THR D 124 19.02 5.74 37.79
C THR D 124 18.19 6.03 39.03
N VAL D 125 17.57 4.98 39.57
CA VAL D 125 16.78 5.08 40.80
C VAL D 125 17.48 4.25 41.88
N THR D 126 17.76 4.88 43.02
CA THR D 126 18.41 4.22 44.13
C THR D 126 17.49 4.27 45.34
N VAL D 127 17.13 3.11 45.86
CA VAL D 127 16.29 3.01 47.06
C VAL D 127 17.14 2.42 48.18
N SER D 128 17.71 3.29 49.00
CA SER D 128 18.60 2.86 50.08
C SER D 128 18.34 3.71 51.32
N SER D 129 18.69 3.15 52.48
CA SER D 129 18.52 3.83 53.75
C SER D 129 19.86 4.36 54.27
N SER E 2 5.00 -15.66 33.09
CA SER E 2 5.84 -16.23 32.06
C SER E 2 7.32 -15.96 32.34
N VAL E 3 8.20 -16.75 31.73
CA VAL E 3 9.63 -16.54 31.87
C VAL E 3 10.30 -17.20 30.66
N LEU E 4 11.43 -16.65 30.24
CA LEU E 4 12.21 -17.17 29.13
C LEU E 4 13.59 -17.55 29.65
N THR E 5 14.06 -18.73 29.23
CA THR E 5 15.31 -19.29 29.72
C THR E 5 16.41 -19.09 28.69
N GLN E 6 17.51 -18.50 29.11
CA GLN E 6 18.65 -18.22 28.25
C GLN E 6 19.93 -18.68 28.95
N PRO E 7 20.91 -19.14 28.18
CA PRO E 7 22.22 -19.48 28.76
C PRO E 7 22.85 -18.26 29.41
N PRO E 8 23.53 -18.45 30.55
CA PRO E 8 24.15 -17.29 31.20
C PRO E 8 25.19 -16.59 30.36
N SER E 9 25.91 -17.32 29.51
CA SER E 9 26.99 -16.72 28.74
C SER E 9 27.30 -17.58 27.53
N ALA E 10 28.06 -17.01 26.61
CA ALA E 10 28.54 -17.71 25.42
C ALA E 10 29.89 -17.12 25.03
N SER E 11 30.67 -17.89 24.28
CA SER E 11 32.02 -17.49 23.91
C SER E 11 32.24 -17.77 22.44
N GLY E 12 33.20 -17.04 21.86
CA GLY E 12 33.55 -17.22 20.47
C GLY E 12 34.81 -16.47 20.12
N THR E 13 35.39 -16.86 19.00
CA THR E 13 36.57 -16.32 18.33
C THR E 13 36.15 -15.44 17.16
N PRO E 14 36.83 -14.32 16.90
CA PRO E 14 36.45 -13.49 15.76
C PRO E 14 36.47 -14.28 14.45
N GLY E 15 35.41 -14.08 13.66
CA GLY E 15 35.22 -14.83 12.43
C GLY E 15 34.43 -16.10 12.57
N GLN E 16 34.14 -16.53 13.79
CA GLN E 16 33.39 -17.77 14.02
C GLN E 16 31.89 -17.49 13.93
N ARG E 17 31.09 -18.48 14.30
CA ARG E 17 29.63 -18.34 14.34
C ARG E 17 29.12 -18.92 15.65
N VAL E 18 28.45 -18.10 16.45
CA VAL E 18 27.91 -18.52 17.73
C VAL E 18 26.39 -18.46 17.66
N THR E 19 25.74 -19.23 18.53
CA THR E 19 24.30 -19.32 18.58
C THR E 19 23.83 -19.00 20.00
N ILE E 20 22.86 -18.10 20.11
CA ILE E 20 22.20 -17.78 21.37
C ILE E 20 20.80 -18.36 21.31
N SER E 21 20.46 -19.21 22.27
CA SER E 21 19.19 -19.90 22.29
C SER E 21 18.30 -19.35 23.39
N CYS E 22 16.99 -19.32 23.12
CA CYS E 22 15.99 -18.92 24.09
C CYS E 22 14.94 -20.01 24.18
N SER E 23 14.60 -20.41 25.40
CA SER E 23 13.60 -21.45 25.65
C SER E 23 12.42 -20.83 26.37
N GLY E 24 11.22 -21.13 25.89
CA GLY E 24 10.01 -20.59 26.49
C GLY E 24 8.93 -21.64 26.67
N SER E 25 7.70 -21.20 26.84
CA SER E 25 6.55 -22.08 27.01
C SER E 25 5.57 -21.85 25.87
N SER E 26 4.39 -22.48 25.97
CA SER E 26 3.37 -22.37 24.95
C SER E 26 2.53 -21.12 25.08
N SER E 27 2.78 -20.28 26.08
CA SER E 27 2.01 -19.06 26.28
C SER E 27 2.73 -17.80 25.80
N ASN E 28 4.05 -17.85 25.61
CA ASN E 28 4.81 -16.69 25.16
C ASN E 28 5.48 -16.89 23.82
N ILE E 29 6.28 -17.95 23.67
CA ILE E 29 7.08 -18.14 22.45
C ILE E 29 6.33 -18.96 21.43
N GLY E 30 5.72 -20.08 21.85
CA GLY E 30 4.98 -20.91 20.92
C GLY E 30 3.67 -20.33 20.46
N ARG E 31 3.23 -19.23 21.08
CA ARG E 31 1.96 -18.60 20.75
C ARG E 31 2.14 -17.19 20.19
N ASN E 32 3.37 -16.71 20.05
CA ASN E 32 3.60 -15.32 19.69
C ASN E 32 5.00 -15.17 19.12
N TYR E 33 5.29 -13.96 18.63
CA TYR E 33 6.58 -13.63 18.03
C TYR E 33 7.68 -13.60 19.08
N VAL E 34 8.92 -13.62 18.60
CA VAL E 34 10.10 -13.52 19.45
C VAL E 34 10.94 -12.35 18.97
N TYR E 35 11.54 -11.63 19.93
CA TYR E 35 12.33 -10.45 19.63
C TYR E 35 13.70 -10.57 20.29
N TRP E 36 14.69 -9.94 19.68
CA TRP E 36 16.06 -9.98 20.17
C TRP E 36 16.60 -8.56 20.32
N TYR E 37 17.32 -8.34 21.41
CA TYR E 37 17.89 -7.04 21.72
C TYR E 37 19.34 -7.22 22.15
N GLN E 38 20.21 -6.28 21.74
CA GLN E 38 21.60 -6.28 22.13
C GLN E 38 21.88 -5.04 22.96
N GLN E 39 22.66 -5.21 24.03
CA GLN E 39 22.97 -4.11 24.95
C GLN E 39 24.47 -4.10 25.23
N LEU E 40 25.17 -3.13 24.68
CA LEU E 40 26.55 -2.89 25.04
C LEU E 40 26.60 -2.31 26.46
N PRO E 41 27.73 -2.50 27.15
CA PRO E 41 27.84 -1.96 28.52
C PRO E 41 27.64 -0.46 28.56
N GLY E 42 26.84 0.00 29.51
CA GLY E 42 26.59 1.42 29.70
C GLY E 42 25.67 2.05 28.69
N THR E 43 25.00 1.27 27.84
CA THR E 43 24.12 1.80 26.81
C THR E 43 22.75 1.15 26.89
N ALA E 44 21.79 1.77 26.22
CA ALA E 44 20.44 1.23 26.16
C ALA E 44 20.40 0.00 25.23
N PRO E 45 19.41 -0.88 25.42
CA PRO E 45 19.27 -2.01 24.51
C PRO E 45 18.94 -1.56 23.09
N LYS E 46 19.37 -2.37 22.14
CA LYS E 46 19.18 -2.10 20.71
C LYS E 46 18.42 -3.25 20.08
N LEU E 47 17.38 -2.92 19.32
CA LEU E 47 16.59 -3.95 18.66
C LEU E 47 17.39 -4.65 17.57
N LEU E 48 17.41 -5.98 17.61
CA LEU E 48 18.14 -6.79 16.64
C LEU E 48 17.21 -7.57 15.73
N ILE E 49 16.27 -8.32 16.29
CA ILE E 49 15.37 -9.18 15.54
C ILE E 49 13.95 -8.93 16.03
N TYR E 50 13.01 -8.85 15.09
CA TYR E 50 11.59 -8.83 15.40
C TYR E 50 10.88 -9.82 14.48
N SER E 51 9.73 -10.31 14.95
CA SER E 51 8.90 -11.26 14.19
C SER E 51 9.66 -12.56 13.91
N ASN E 52 10.59 -12.90 14.80
CA ASN E 52 11.37 -14.13 14.85
C ASN E 52 12.43 -14.25 13.76
N ASN E 53 12.32 -13.44 12.70
CA ASN E 53 13.34 -13.52 11.65
C ASN E 53 13.65 -12.21 10.95
N GLN E 54 13.05 -11.09 11.34
CA GLN E 54 13.17 -9.85 10.59
C GLN E 54 14.13 -8.89 11.28
N ARG E 55 14.94 -8.20 10.48
CA ARG E 55 15.95 -7.28 10.98
C ARG E 55 15.55 -5.84 10.69
N PRO E 56 15.64 -4.95 11.67
CA PRO E 56 15.52 -3.53 11.37
C PRO E 56 16.68 -3.04 10.51
N SER E 57 16.40 -2.02 9.72
CA SER E 57 17.42 -1.45 8.85
C SER E 57 18.57 -0.89 9.67
N GLY E 58 19.80 -1.19 9.23
CA GLY E 58 21.00 -0.82 9.94
C GLY E 58 21.64 -1.97 10.69
N VAL E 59 20.92 -3.05 10.91
CA VAL E 59 21.46 -4.26 11.54
C VAL E 59 22.03 -5.16 10.44
N PRO E 60 23.27 -5.62 10.58
CA PRO E 60 23.89 -6.40 9.51
C PRO E 60 23.15 -7.69 9.23
N ASP E 61 23.27 -8.17 7.98
CA ASP E 61 22.65 -9.42 7.57
C ASP E 61 23.22 -10.61 8.34
N ARG E 62 24.38 -10.45 8.98
CA ARG E 62 25.01 -11.56 9.68
C ARG E 62 24.27 -11.96 10.95
N PHE E 63 23.31 -11.17 11.40
CA PHE E 63 22.46 -11.55 12.53
C PHE E 63 21.23 -12.28 11.99
N SER E 64 21.01 -13.50 12.46
CA SER E 64 19.92 -14.34 11.98
C SER E 64 19.12 -14.86 13.16
N GLY E 65 17.81 -14.88 13.00
CA GLY E 65 16.93 -15.41 14.03
C GLY E 65 15.95 -16.40 13.46
N SER E 66 15.64 -17.41 14.26
CA SER E 66 14.68 -18.44 13.88
C SER E 66 13.86 -18.85 15.09
N LYS E 67 12.64 -19.32 14.83
CA LYS E 67 11.74 -19.79 15.86
C LYS E 67 11.19 -21.15 15.47
N SER E 68 11.15 -22.06 16.44
CA SER E 68 10.64 -23.42 16.22
C SER E 68 9.88 -23.84 17.47
N GLY E 69 8.56 -23.70 17.44
CA GLY E 69 7.73 -24.05 18.58
C GLY E 69 7.97 -23.16 19.78
N THR E 70 8.31 -23.75 20.91
CA THR E 70 8.52 -23.02 22.16
C THR E 70 9.97 -22.58 22.34
N SER E 71 10.84 -22.82 21.37
CA SER E 71 12.24 -22.45 21.45
C SER E 71 12.60 -21.50 20.31
N ALA E 72 13.49 -20.56 20.60
CA ALA E 72 13.99 -19.62 19.61
C ALA E 72 15.50 -19.50 19.75
N SER E 73 16.16 -19.16 18.65
CA SER E 73 17.61 -19.07 18.64
C SER E 73 18.04 -17.84 17.85
N LEU E 74 19.21 -17.31 18.20
CA LEU E 74 19.84 -16.22 17.47
C LEU E 74 21.24 -16.65 17.07
N ALA E 75 21.58 -16.46 15.80
CA ALA E 75 22.88 -16.83 15.27
C ALA E 75 23.62 -15.58 14.82
N ILE E 76 24.91 -15.54 15.10
CA ILE E 76 25.78 -14.44 14.70
C ILE E 76 26.94 -15.05 13.90
N SER E 77 26.87 -14.93 12.59
CA SER E 77 27.93 -15.39 11.70
C SER E 77 28.85 -14.24 11.36
N GLY E 78 30.09 -14.58 10.98
CA GLY E 78 31.08 -13.56 10.73
C GLY E 78 31.36 -12.74 11.97
N LEU E 79 31.55 -13.43 13.09
CA LEU E 79 31.66 -12.78 14.39
C LEU E 79 32.81 -11.78 14.41
N ARG E 80 32.55 -10.61 15.01
CA ARG E 80 33.53 -9.55 15.15
C ARG E 80 33.71 -9.22 16.63
N SER E 81 34.70 -8.36 16.90
CA SER E 81 34.94 -7.94 18.27
C SER E 81 33.90 -6.97 18.78
N GLU E 82 33.11 -6.38 17.88
CA GLU E 82 32.06 -5.44 18.26
C GLU E 82 30.77 -6.13 18.69
N ASP E 83 30.72 -7.46 18.64
CA ASP E 83 29.54 -8.21 19.01
C ASP E 83 29.50 -8.56 20.50
N GLU E 84 30.54 -8.20 21.25
CA GLU E 84 30.57 -8.45 22.69
C GLU E 84 29.52 -7.57 23.35
N ALA E 85 28.41 -8.18 23.76
CA ALA E 85 27.28 -7.43 24.29
C ALA E 85 26.38 -8.40 25.07
N ASP E 86 25.24 -7.87 25.52
CA ASP E 86 24.22 -8.65 26.19
C ASP E 86 23.09 -8.89 25.22
N TYR E 87 22.64 -10.14 25.12
CA TYR E 87 21.59 -10.51 24.19
C TYR E 87 20.39 -11.05 24.95
N TYR E 88 19.22 -10.47 24.68
CA TYR E 88 17.98 -10.82 25.36
C TYR E 88 16.95 -11.24 24.34
N CYS E 89 16.24 -12.33 24.62
CA CYS E 89 15.03 -12.66 23.89
C CYS E 89 13.84 -12.00 24.57
N ALA E 90 12.82 -11.71 23.77
CA ALA E 90 11.65 -11.01 24.27
C ALA E 90 10.40 -11.58 23.62
N ALA E 91 9.28 -11.43 24.32
CA ALA E 91 7.98 -11.87 23.84
C ALA E 91 6.91 -11.16 24.66
N TRP E 92 5.65 -11.44 24.31
CA TRP E 92 4.51 -10.97 25.07
C TRP E 92 3.69 -12.17 25.51
N ASP E 93 3.21 -12.14 26.75
CA ASP E 93 2.49 -13.28 27.31
C ASP E 93 1.00 -13.14 27.00
N ALA E 94 0.17 -13.96 27.66
CA ALA E 94 -1.26 -13.96 27.38
C ALA E 94 -1.88 -12.60 27.67
N SER E 95 -1.50 -11.98 28.79
CA SER E 95 -1.96 -10.63 29.09
C SER E 95 -1.00 -9.58 28.56
N LEU E 96 -0.62 -9.71 27.29
CA LEU E 96 0.34 -8.85 26.63
C LEU E 96 1.65 -8.82 27.42
N ARG E 97 1.92 -7.71 28.13
CA ARG E 97 2.89 -7.68 29.22
C ARG E 97 4.25 -8.26 28.81
N GLY E 98 4.92 -7.52 27.94
CA GLY E 98 6.21 -7.92 27.40
C GLY E 98 7.15 -8.62 28.37
N VAL E 99 7.77 -9.71 27.92
CA VAL E 99 8.61 -10.57 28.76
C VAL E 99 10.02 -10.58 28.19
N PHE E 100 11.01 -10.58 29.07
CA PHE E 100 12.41 -10.62 28.68
C PHE E 100 13.08 -11.88 29.20
N GLY E 101 14.06 -12.37 28.44
CA GLY E 101 14.86 -13.48 28.89
C GLY E 101 15.92 -13.07 29.89
N GLY E 102 16.61 -14.06 30.44
CA GLY E 102 17.63 -13.79 31.44
C GLY E 102 18.80 -12.99 30.90
N GLY E 103 19.15 -13.20 29.65
CA GLY E 103 20.30 -12.54 29.05
C GLY E 103 21.48 -13.48 28.92
N THR E 104 22.28 -13.27 27.88
CA THR E 104 23.45 -14.08 27.59
C THR E 104 24.66 -13.17 27.43
N LYS E 105 25.76 -13.51 28.11
CA LYS E 105 27.02 -12.79 27.98
C LYS E 105 27.79 -13.38 26.81
N LEU E 106 27.79 -12.69 25.67
CA LEU E 106 28.59 -13.11 24.53
C LEU E 106 29.98 -12.50 24.65
N THR E 107 31.00 -13.34 24.64
CA THR E 107 32.38 -12.90 24.74
C THR E 107 33.11 -13.22 23.44
N VAL E 108 33.92 -12.27 22.98
CA VAL E 108 34.69 -12.41 21.74
C VAL E 108 36.14 -12.62 22.15
N LEU E 109 36.61 -13.85 22.06
CA LEU E 109 37.99 -14.17 22.42
C LEU E 109 38.87 -14.32 21.19
N VAL F 1 -10.12 -6.47 -2.26
CA VAL F 1 -9.83 -7.71 -2.96
C VAL F 1 -9.10 -7.40 -4.27
N VAL F 2 -7.83 -7.77 -4.33
CA VAL F 2 -7.04 -7.58 -5.54
C VAL F 2 -7.29 -8.75 -6.49
N GLY F 3 -7.38 -8.46 -7.78
CA GLY F 3 -7.62 -9.49 -8.77
C GLY F 3 -8.99 -10.10 -8.71
N GLY F 4 -9.98 -9.38 -8.18
CA GLY F 4 -11.33 -9.89 -8.05
C GLY F 4 -12.27 -9.32 -9.09
N LEU F 5 -13.55 -9.62 -8.91
CA LEU F 5 -14.60 -9.23 -9.83
C LEU F 5 -15.78 -8.64 -9.07
N VAL F 6 -16.56 -7.82 -9.77
CA VAL F 6 -17.76 -7.25 -9.18
C VAL F 6 -18.78 -8.36 -8.95
N ALA F 7 -19.27 -8.45 -7.72
CA ALA F 7 -20.26 -9.47 -7.38
C ALA F 7 -21.65 -9.03 -7.86
N LEU F 8 -22.53 -10.03 -8.01
CA LEU F 8 -23.90 -9.74 -8.39
C LEU F 8 -24.66 -9.13 -7.21
N ARG F 9 -25.85 -8.58 -7.52
CA ARG F 9 -26.62 -7.87 -6.50
C ARG F 9 -27.05 -8.79 -5.38
N GLY F 10 -27.45 -10.01 -5.70
CA GLY F 10 -27.87 -10.95 -4.67
C GLY F 10 -26.91 -12.10 -4.48
N ALA F 11 -25.60 -11.82 -4.55
CA ALA F 11 -24.59 -12.86 -4.51
C ALA F 11 -24.14 -13.19 -3.09
N HIS F 12 -23.94 -12.18 -2.24
CA HIS F 12 -23.47 -12.36 -0.87
C HIS F 12 -24.41 -11.66 0.09
N PRO F 13 -25.60 -12.22 0.31
CA PRO F 13 -26.57 -11.59 1.22
C PRO F 13 -26.15 -11.67 2.69
N TYR F 14 -25.11 -12.43 3.02
CA TYR F 14 -24.66 -12.61 4.38
C TYR F 14 -23.60 -11.62 4.81
N ILE F 15 -23.07 -10.82 3.89
CA ILE F 15 -22.00 -9.89 4.22
C ILE F 15 -22.57 -8.68 4.94
N ALA F 16 -21.81 -8.14 5.88
CA ALA F 16 -22.23 -7.01 6.68
C ALA F 16 -21.16 -5.92 6.60
N ALA F 17 -21.61 -4.67 6.69
CA ALA F 17 -20.72 -3.52 6.71
C ALA F 17 -20.82 -2.84 8.07
N LEU F 18 -19.66 -2.59 8.67
CA LEU F 18 -19.57 -2.00 9.99
C LEU F 18 -18.95 -0.61 9.88
N TYR F 19 -19.56 0.37 10.53
CA TYR F 19 -19.11 1.75 10.49
C TYR F 19 -19.04 2.31 11.90
N TRP F 20 -17.93 2.99 12.19
CA TRP F 20 -17.82 3.77 13.43
C TRP F 20 -16.74 4.81 13.21
N GLY F 21 -17.09 6.07 13.44
CA GLY F 21 -16.16 7.16 13.16
C GLY F 21 -15.81 7.19 11.68
N HIS F 22 -14.52 7.18 11.38
CA HIS F 22 -14.03 7.05 10.02
C HIS F 22 -13.57 5.64 9.70
N SER F 23 -13.80 4.69 10.61
CA SER F 23 -13.33 3.32 10.47
C SER F 23 -14.42 2.44 9.87
N PHE F 24 -13.98 1.42 9.12
CA PHE F 24 -14.89 0.51 8.45
C PHE F 24 -14.25 -0.86 8.37
N CYS F 25 -15.07 -1.91 8.49
CA CYS F 25 -14.66 -3.24 8.06
C CYS F 25 -15.91 -4.08 7.84
N ALA F 26 -15.71 -5.31 7.41
CA ALA F 26 -16.79 -6.18 6.97
C ALA F 26 -17.15 -7.18 8.06
N GLY F 27 -18.03 -8.11 7.72
CA GLY F 27 -18.48 -9.13 8.66
C GLY F 27 -19.33 -10.15 7.94
N SER F 28 -19.91 -11.06 8.73
CA SER F 28 -20.76 -12.11 8.20
C SER F 28 -21.96 -12.29 9.11
N LEU F 29 -23.15 -12.16 8.55
CA LEU F 29 -24.36 -12.51 9.29
C LEU F 29 -24.44 -14.03 9.41
N ILE F 30 -24.24 -14.54 10.63
CA ILE F 30 -24.37 -15.97 10.89
C ILE F 30 -25.72 -16.31 11.52
N ALA F 31 -26.48 -15.32 11.97
CA ALA F 31 -27.78 -15.51 12.58
C ALA F 31 -28.54 -14.20 12.46
N PRO F 32 -29.86 -14.22 12.65
CA PRO F 32 -30.62 -12.97 12.55
C PRO F 32 -30.15 -11.86 13.47
N CYS F 33 -29.53 -12.19 14.60
CA CYS F 33 -29.05 -11.17 15.55
C CYS F 33 -27.55 -11.26 15.79
N TRP F 34 -26.80 -11.92 14.92
CA TRP F 34 -25.39 -12.16 15.18
C TRP F 34 -24.56 -11.93 13.93
N VAL F 35 -23.52 -11.10 14.06
CA VAL F 35 -22.56 -10.83 13.01
C VAL F 35 -21.18 -11.26 13.50
N LEU F 36 -20.49 -12.06 12.70
CA LEU F 36 -19.16 -12.55 13.03
C LEU F 36 -18.12 -11.80 12.21
N THR F 37 -17.15 -11.20 12.89
CA THR F 37 -16.13 -10.39 12.25
C THR F 37 -14.79 -10.69 12.91
N ALA F 38 -13.79 -9.87 12.61
CA ALA F 38 -12.45 -10.04 13.15
C ALA F 38 -12.30 -9.33 14.49
N ALA F 39 -11.47 -9.91 15.35
CA ALA F 39 -11.21 -9.29 16.65
C ALA F 39 -10.37 -8.02 16.52
N HIS F 40 -9.51 -7.95 15.50
CA HIS F 40 -8.66 -6.78 15.32
C HIS F 40 -9.38 -5.60 14.70
N CYS F 41 -10.60 -5.80 14.18
CA CYS F 41 -11.44 -4.66 13.82
C CYS F 41 -11.74 -3.80 15.05
N LEU F 42 -12.04 -4.44 16.17
CA LEU F 42 -12.56 -3.75 17.34
C LEU F 42 -11.58 -3.82 18.51
N GLN F 43 -10.29 -3.90 18.22
CA GLN F 43 -9.28 -4.03 19.26
C GLN F 43 -9.01 -2.71 19.98
N ASP F 44 -9.36 -1.58 19.38
CA ASP F 44 -9.34 -0.29 20.08
C ASP F 44 -10.53 -0.12 21.00
N ARG F 45 -11.49 -1.05 20.96
CA ARG F 45 -12.66 -1.12 21.82
C ARG F 45 -13.50 0.16 21.76
N PRO F 46 -14.15 0.44 20.63
CA PRO F 46 -15.12 1.54 20.61
C PRO F 46 -16.39 1.13 21.34
N ALA F 47 -17.20 2.13 21.66
CA ALA F 47 -18.46 1.86 22.33
C ALA F 47 -19.43 1.17 21.38
N PRO F 48 -20.25 0.24 21.87
CA PRO F 48 -21.28 -0.37 21.01
C PRO F 48 -22.27 0.64 20.45
N GLU F 49 -22.47 1.76 21.15
CA GLU F 49 -23.38 2.79 20.66
C GLU F 49 -22.80 3.56 19.48
N ASP F 50 -21.50 3.44 19.24
CA ASP F 50 -20.85 4.10 18.11
C ASP F 50 -20.82 3.24 16.86
N LEU F 51 -21.33 2.00 16.93
CA LEU F 51 -21.23 1.05 15.84
C LEU F 51 -22.52 1.01 15.04
N THR F 52 -22.38 1.01 13.72
CA THR F 52 -23.50 0.92 12.79
C THR F 52 -23.32 -0.29 11.88
N VAL F 53 -24.34 -1.12 11.77
CA VAL F 53 -24.31 -2.32 10.94
C VAL F 53 -25.32 -2.15 9.81
N VAL F 54 -24.85 -2.32 8.57
CA VAL F 54 -25.69 -2.22 7.39
C VAL F 54 -25.71 -3.56 6.69
N LEU F 55 -26.90 -4.14 6.53
CA LEU F 55 -27.10 -5.43 5.88
C LEU F 55 -27.84 -5.25 4.55
N GLY F 56 -27.49 -6.08 3.58
CA GLY F 56 -28.15 -6.06 2.28
C GLY F 56 -27.55 -5.12 1.26
N GLN F 57 -26.30 -4.73 1.44
CA GLN F 57 -25.71 -3.59 0.75
C GLN F 57 -24.81 -4.04 -0.40
N GLU F 58 -24.77 -3.24 -1.47
CA GLU F 58 -23.91 -3.50 -2.61
C GLU F 58 -22.82 -2.46 -2.80
N ARG F 59 -23.16 -1.17 -2.72
CA ARG F 59 -22.17 -0.10 -2.81
C ARG F 59 -21.78 0.33 -1.40
N ARG F 60 -20.49 0.59 -1.21
CA ARG F 60 -19.98 0.86 0.14
C ARG F 60 -20.46 2.22 0.62
N ASN F 61 -21.16 2.21 1.75
CA ASN F 61 -21.73 3.38 2.41
C ASN F 61 -22.70 4.14 1.49
N HIS F 62 -23.42 3.41 0.65
CA HIS F 62 -24.47 3.98 -0.17
C HIS F 62 -25.81 3.37 0.21
N SER F 63 -26.81 4.22 0.41
CA SER F 63 -28.14 3.74 0.75
C SER F 63 -28.77 3.00 -0.42
N CYS F 64 -29.48 1.92 -0.11
CA CYS F 64 -30.19 1.13 -1.10
C CYS F 64 -31.52 0.70 -0.52
N GLU F 65 -32.45 0.34 -1.40
CA GLU F 65 -33.77 -0.13 -0.94
C GLU F 65 -33.66 -1.40 -0.10
N PRO F 66 -32.92 -2.44 -0.48
CA PRO F 66 -32.77 -3.60 0.40
C PRO F 66 -31.83 -3.40 1.57
N CYS F 67 -31.17 -2.25 1.68
CA CYS F 67 -30.25 -2.01 2.79
C CYS F 67 -31.01 -1.98 4.11
N GLN F 68 -30.38 -2.54 5.14
CA GLN F 68 -30.94 -2.57 6.49
C GLN F 68 -29.90 -2.05 7.46
N THR F 69 -30.22 -0.96 8.15
CA THR F 69 -29.31 -0.36 9.13
C THR F 69 -29.71 -0.80 10.53
N LEU F 70 -28.72 -1.22 11.31
CA LEU F 70 -28.97 -1.76 12.64
C LEU F 70 -27.94 -1.24 13.62
N ALA F 71 -28.34 -1.17 14.89
CA ALA F 71 -27.44 -0.82 15.98
C ALA F 71 -26.89 -2.08 16.63
N VAL F 72 -25.82 -1.91 17.39
CA VAL F 72 -25.12 -3.01 18.04
C VAL F 72 -25.39 -2.94 19.54
N ARG F 73 -25.98 -3.99 20.09
CA ARG F 73 -26.17 -4.07 21.53
C ARG F 73 -24.84 -4.20 22.25
N SER F 74 -24.02 -5.15 21.82
CA SER F 74 -22.73 -5.40 22.43
C SER F 74 -21.91 -6.26 21.47
N TYR F 75 -20.60 -6.27 21.69
CA TYR F 75 -19.71 -7.16 20.94
C TYR F 75 -18.78 -7.87 21.90
N ARG F 76 -18.33 -9.05 21.51
CA ARG F 76 -17.48 -9.89 22.33
C ARG F 76 -16.26 -10.30 21.50
N LEU F 77 -15.12 -9.67 21.77
CA LEU F 77 -13.86 -10.14 21.25
C LEU F 77 -13.51 -11.49 21.87
N HIS F 78 -12.75 -12.31 21.13
CA HIS F 78 -12.28 -13.56 21.69
C HIS F 78 -11.38 -13.29 22.88
N GLU F 79 -11.57 -14.07 23.95
CA GLU F 79 -10.85 -13.82 25.19
C GLU F 79 -9.36 -14.06 25.05
N ALA F 80 -8.94 -14.89 24.10
CA ALA F 80 -7.53 -15.20 23.88
C ALA F 80 -6.96 -14.50 22.65
N PHE F 81 -7.65 -13.50 22.12
CA PHE F 81 -7.14 -12.79 20.95
C PHE F 81 -5.83 -12.10 21.27
N SER F 82 -4.85 -12.28 20.40
CA SER F 82 -3.55 -11.66 20.57
C SER F 82 -3.37 -10.55 19.53
N PRO F 83 -3.35 -9.28 19.93
CA PRO F 83 -3.06 -8.22 18.95
C PRO F 83 -1.67 -8.30 18.38
N VAL F 84 -0.75 -9.02 19.03
CA VAL F 84 0.61 -9.14 18.50
C VAL F 84 0.66 -10.13 17.35
N SER F 85 0.02 -11.30 17.52
CA SER F 85 0.09 -12.37 16.53
C SER F 85 -1.19 -12.56 15.74
N TYR F 86 -2.28 -11.87 16.11
CA TYR F 86 -3.58 -12.02 15.47
C TYR F 86 -4.11 -13.45 15.55
N GLN F 87 -3.83 -14.13 16.65
CA GLN F 87 -4.39 -15.43 16.92
C GLN F 87 -5.70 -15.28 17.66
N HIS F 88 -6.64 -16.19 17.39
CA HIS F 88 -8.02 -16.09 17.86
C HIS F 88 -8.63 -14.74 17.44
N ASP F 89 -8.42 -14.41 16.17
CA ASP F 89 -8.83 -13.13 15.61
C ASP F 89 -10.28 -13.21 15.11
N LEU F 90 -11.20 -13.21 16.06
CA LEU F 90 -12.63 -13.23 15.75
C LEU F 90 -13.40 -12.58 16.88
N ALA F 91 -14.51 -11.92 16.51
CA ALA F 91 -15.38 -11.25 17.46
C ALA F 91 -16.82 -11.46 17.03
N LEU F 92 -17.73 -11.33 17.99
CA LEU F 92 -19.15 -11.55 17.77
C LEU F 92 -19.92 -10.27 18.06
N LEU F 93 -20.76 -9.84 17.12
CA LEU F 93 -21.60 -8.66 17.28
C LEU F 93 -23.03 -9.10 17.59
N ARG F 94 -23.63 -8.48 18.60
CA ARG F 94 -25.03 -8.68 18.93
C ARG F 94 -25.83 -7.47 18.45
N LEU F 95 -26.81 -7.71 17.58
CA LEU F 95 -27.59 -6.64 16.99
C LEU F 95 -28.72 -6.22 17.93
N GLN F 96 -29.24 -5.02 17.69
CA GLN F 96 -30.26 -4.42 18.54
C GLN F 96 -31.64 -4.85 18.09
N GLU F 97 -32.40 -5.47 18.99
CA GLU F 97 -33.76 -5.87 18.69
C GLU F 97 -34.69 -4.65 18.65
N ASP F 98 -35.71 -4.74 17.80
CA ASP F 98 -36.73 -3.71 17.73
C ASP F 98 -37.80 -3.97 18.79
N ALA F 99 -38.94 -3.29 18.65
CA ALA F 99 -40.01 -3.41 19.65
C ALA F 99 -40.54 -4.84 19.73
N ASP F 100 -40.72 -5.50 18.58
CA ASP F 100 -41.23 -6.87 18.53
C ASP F 100 -40.12 -7.91 18.49
N GLY F 101 -38.90 -7.55 18.85
CA GLY F 101 -37.81 -8.51 18.97
C GLY F 101 -37.35 -9.16 17.69
N SER F 102 -37.22 -8.40 16.61
CA SER F 102 -36.70 -8.89 15.34
C SER F 102 -35.48 -8.05 14.97
N CYS F 103 -34.30 -8.67 14.95
CA CYS F 103 -33.08 -7.93 14.70
C CYS F 103 -32.91 -7.61 13.21
N ALA F 104 -32.80 -8.66 12.39
CA ALA F 104 -32.62 -8.51 10.95
C ALA F 104 -33.78 -9.18 10.24
N LEU F 105 -34.39 -8.46 9.30
CA LEU F 105 -35.49 -9.02 8.52
C LEU F 105 -34.92 -9.78 7.32
N LEU F 106 -35.25 -11.06 7.25
CA LEU F 106 -34.73 -11.89 6.17
C LEU F 106 -35.39 -11.54 4.85
N SER F 107 -34.60 -11.50 3.79
CA SER F 107 -35.05 -11.08 2.48
C SER F 107 -34.19 -11.76 1.43
N PRO F 108 -34.51 -11.58 0.15
CA PRO F 108 -33.59 -12.10 -0.89
C PRO F 108 -32.20 -11.48 -0.84
N TYR F 109 -32.02 -10.35 -0.16
CA TYR F 109 -30.74 -9.69 -0.08
C TYR F 109 -30.13 -9.70 1.32
N VAL F 110 -30.89 -10.12 2.33
CA VAL F 110 -30.39 -10.25 3.70
C VAL F 110 -30.68 -11.67 4.14
N GLN F 111 -29.63 -12.45 4.39
CA GLN F 111 -29.77 -13.86 4.74
C GLN F 111 -28.52 -14.35 5.46
N PRO F 112 -28.67 -15.07 6.57
CA PRO F 112 -27.48 -15.57 7.28
C PRO F 112 -26.80 -16.71 6.52
N VAL F 113 -25.50 -16.85 6.78
CA VAL F 113 -24.68 -17.88 6.17
C VAL F 113 -24.50 -19.02 7.16
N SER F 114 -24.49 -20.25 6.64
CA SER F 114 -24.32 -21.42 7.50
C SER F 114 -22.88 -21.53 7.99
N LEU F 115 -22.72 -22.19 9.10
CA LEU F 115 -21.48 -22.53 9.77
C LEU F 115 -21.11 -23.98 9.48
N PRO F 116 -19.81 -24.32 9.46
CA PRO F 116 -19.39 -25.69 9.13
C PRO F 116 -19.71 -26.70 10.23
N LEU F 127 -13.62 -24.95 -3.93
CA LEU F 127 -14.40 -23.85 -4.49
C LEU F 127 -14.73 -22.84 -3.40
N CYS F 128 -13.74 -22.03 -3.02
CA CYS F 128 -13.87 -21.04 -1.96
C CYS F 128 -13.85 -19.64 -2.55
N GLN F 129 -14.65 -18.75 -1.97
CA GLN F 129 -14.85 -17.41 -2.50
C GLN F 129 -14.69 -16.38 -1.40
N VAL F 130 -13.96 -15.30 -1.71
CA VAL F 130 -13.70 -14.22 -0.78
C VAL F 130 -14.29 -12.93 -1.35
N ALA F 131 -14.89 -12.13 -0.47
CA ALA F 131 -15.56 -10.89 -0.87
C ALA F 131 -15.28 -9.79 0.13
N GLY F 132 -15.29 -8.55 -0.36
CA GLY F 132 -15.10 -7.40 0.50
C GLY F 132 -15.03 -6.12 -0.29
N TRP F 133 -14.97 -5.02 0.44
CA TRP F 133 -14.89 -3.67 -0.13
C TRP F 133 -13.50 -3.07 0.02
N GLY F 134 -12.48 -3.91 0.15
CA GLY F 134 -11.14 -3.44 0.42
C GLY F 134 -10.45 -2.88 -0.80
N HIS F 135 -9.12 -2.72 -0.68
CA HIS F 135 -8.33 -2.16 -1.77
C HIS F 135 -8.31 -3.11 -2.96
N GLN F 136 -8.61 -2.59 -4.15
CA GLN F 136 -8.50 -3.37 -5.37
C GLN F 136 -7.07 -3.37 -5.92
N PHE F 137 -6.20 -2.51 -5.41
CA PHE F 137 -4.79 -2.51 -5.75
C PHE F 137 -3.99 -2.31 -4.47
N GLU F 138 -2.72 -2.70 -4.51
CA GLU F 138 -1.93 -2.82 -3.30
C GLU F 138 -1.80 -1.49 -2.56
N GLY F 139 -1.57 -0.41 -3.29
CA GLY F 139 -1.47 0.90 -2.67
C GLY F 139 -2.65 1.78 -3.01
N ALA F 140 -3.85 1.21 -3.01
CA ALA F 140 -5.04 1.92 -3.44
C ALA F 140 -5.36 3.06 -2.47
N GLU F 141 -5.88 4.14 -3.04
CA GLU F 141 -6.17 5.34 -2.26
C GLU F 141 -7.56 5.29 -1.62
N GLU F 142 -8.49 4.53 -2.21
CA GLU F 142 -9.87 4.47 -1.74
C GLU F 142 -10.34 3.03 -1.67
N TYR F 143 -11.44 2.83 -0.96
CA TYR F 143 -12.10 1.54 -0.90
C TYR F 143 -12.73 1.18 -2.24
N ALA F 144 -13.06 -0.09 -2.40
CA ALA F 144 -13.87 -0.51 -3.53
C ALA F 144 -15.30 -0.01 -3.34
N SER F 145 -15.83 0.68 -4.36
CA SER F 145 -17.21 1.15 -4.30
C SER F 145 -18.19 -0.02 -4.39
N PHE F 146 -17.97 -0.91 -5.34
CA PHE F 146 -18.78 -2.11 -5.50
C PHE F 146 -18.16 -3.27 -4.74
N LEU F 147 -19.02 -4.14 -4.21
CA LEU F 147 -18.53 -5.32 -3.50
C LEU F 147 -17.85 -6.26 -4.48
N GLN F 148 -16.57 -6.54 -4.24
CA GLN F 148 -15.78 -7.40 -5.09
C GLN F 148 -15.79 -8.82 -4.57
N GLU F 149 -15.61 -9.78 -5.47
CA GLU F 149 -15.56 -11.19 -5.13
C GLU F 149 -14.38 -11.83 -5.84
N ALA F 150 -13.91 -12.95 -5.31
CA ALA F 150 -12.78 -13.65 -5.89
C ALA F 150 -12.82 -15.12 -5.50
N GLN F 151 -12.31 -15.96 -6.39
CA GLN F 151 -12.18 -17.39 -6.15
C GLN F 151 -10.76 -17.67 -5.68
N VAL F 152 -10.62 -18.22 -4.48
CA VAL F 152 -9.30 -18.56 -3.94
C VAL F 152 -9.32 -20.00 -3.44
N PRO F 153 -8.36 -20.83 -3.86
CA PRO F 153 -8.31 -22.20 -3.37
C PRO F 153 -7.85 -22.28 -1.93
N PHE F 154 -8.33 -23.31 -1.23
CA PHE F 154 -7.83 -23.58 0.11
C PHE F 154 -6.44 -24.20 0.02
N LEU F 155 -5.55 -23.75 0.89
CA LEU F 155 -4.17 -24.21 0.91
C LEU F 155 -3.90 -25.04 2.15
N SER F 156 -3.04 -26.04 2.00
CA SER F 156 -2.75 -26.96 3.09
C SER F 156 -1.92 -26.28 4.17
N LEU F 157 -2.06 -26.80 5.39
CA LEU F 157 -1.32 -26.23 6.52
C LEU F 157 0.19 -26.43 6.37
N GLU F 158 0.61 -27.54 5.77
CA GLU F 158 2.03 -27.74 5.50
C GLU F 158 2.56 -26.67 4.56
N ARG F 159 1.77 -26.31 3.54
CA ARG F 159 2.14 -25.20 2.67
C ARG F 159 2.05 -23.86 3.39
N CYS F 160 1.13 -23.73 4.35
CA CYS F 160 1.05 -22.51 5.13
C CYS F 160 2.34 -22.28 5.91
N SER F 161 2.78 -23.29 6.66
CA SER F 161 3.90 -23.16 7.58
C SER F 161 5.24 -23.43 6.91
N ALA F 162 5.30 -23.39 5.58
CA ALA F 162 6.57 -23.52 4.90
C ALA F 162 7.43 -22.28 5.18
N PRO F 163 8.75 -22.45 5.31
CA PRO F 163 9.60 -21.30 5.60
C PRO F 163 9.55 -20.22 4.53
N ASP F 164 9.25 -20.58 3.29
CA ASP F 164 9.18 -19.63 2.19
C ASP F 164 7.82 -18.97 2.05
N VAL F 165 6.78 -19.50 2.70
CA VAL F 165 5.45 -18.94 2.54
C VAL F 165 5.09 -18.08 3.75
N HIS F 166 4.99 -18.69 4.92
CA HIS F 166 4.72 -17.94 6.14
C HIS F 166 5.50 -18.42 7.35
N GLY F 167 6.10 -19.61 7.31
CA GLY F 167 6.92 -20.06 8.42
C GLY F 167 6.11 -20.28 9.68
N SER F 168 6.66 -19.82 10.81
CA SER F 168 6.10 -20.05 12.12
C SER F 168 5.00 -19.06 12.48
N SER F 169 4.68 -18.11 11.61
CA SER F 169 3.60 -17.16 11.88
C SER F 169 2.23 -17.83 11.90
N ILE F 170 2.09 -18.98 11.27
CA ILE F 170 0.80 -19.67 11.18
C ILE F 170 0.56 -20.42 12.49
N LEU F 171 -0.35 -19.92 13.30
CA LEU F 171 -0.71 -20.49 14.59
C LEU F 171 -2.02 -21.26 14.49
N PRO F 172 -2.29 -22.15 15.44
CA PRO F 172 -3.54 -22.92 15.38
C PRO F 172 -4.76 -22.01 15.37
N GLY F 173 -5.72 -22.35 14.51
CA GLY F 173 -6.89 -21.53 14.28
C GLY F 173 -6.82 -20.69 13.02
N MET F 174 -5.69 -20.72 12.31
CA MET F 174 -5.49 -19.96 11.09
C MET F 174 -5.62 -20.89 9.88
N LEU F 175 -5.79 -20.29 8.71
CA LEU F 175 -5.77 -21.04 7.47
C LEU F 175 -5.33 -20.14 6.33
N CYS F 176 -4.96 -20.76 5.23
CA CYS F 176 -4.47 -20.07 4.04
C CYS F 176 -5.52 -20.18 2.94
N ALA F 177 -5.58 -19.17 2.08
CA ALA F 177 -6.40 -19.24 0.88
C ALA F 177 -5.85 -18.26 -0.14
N GLY F 178 -5.71 -18.72 -1.38
CA GLY F 178 -5.18 -17.93 -2.45
C GLY F 178 -4.17 -18.73 -3.24
N PHE F 179 -3.30 -18.02 -3.95
CA PHE F 179 -2.34 -18.62 -4.85
C PHE F 179 -0.93 -18.31 -4.39
N LEU F 180 -0.04 -19.30 -4.51
CA LEU F 180 1.36 -19.08 -4.21
C LEU F 180 2.05 -18.24 -5.26
N GLU F 181 1.42 -18.01 -6.41
CA GLU F 181 1.94 -17.18 -7.47
C GLU F 181 1.51 -15.72 -7.34
N GLY F 182 0.67 -15.40 -6.38
CA GLY F 182 0.18 -14.05 -6.20
C GLY F 182 -1.08 -13.77 -7.01
N GLY F 183 -1.30 -12.48 -7.26
CA GLY F 183 -2.44 -12.07 -8.05
C GLY F 183 -3.69 -11.85 -7.23
N THR F 184 -4.57 -12.85 -7.20
CA THR F 184 -5.84 -12.75 -6.49
C THR F 184 -5.63 -12.97 -5.00
N ASP F 185 -6.14 -12.06 -4.17
CA ASP F 185 -5.97 -12.12 -2.73
C ASP F 185 -6.87 -11.07 -2.09
N ALA F 186 -6.95 -11.13 -0.76
CA ALA F 186 -7.55 -10.05 0.02
C ALA F 186 -6.52 -8.94 0.25
N CYS F 187 -7.00 -7.79 0.70
CA CYS F 187 -6.13 -6.63 0.83
C CYS F 187 -6.63 -5.78 2.00
N GLN F 188 -6.03 -4.59 2.15
CA GLN F 188 -6.42 -3.68 3.20
C GLN F 188 -7.85 -3.21 2.99
N GLY F 189 -8.64 -3.20 4.08
CA GLY F 189 -10.04 -2.86 4.02
C GLY F 189 -10.99 -4.03 4.00
N ASP F 190 -10.47 -5.24 3.79
CA ASP F 190 -11.29 -6.45 3.71
C ASP F 190 -11.40 -7.16 5.05
N SER F 191 -10.81 -6.61 6.11
CA SER F 191 -10.73 -7.29 7.39
C SER F 191 -12.12 -7.65 7.91
N GLY F 192 -12.26 -8.88 8.39
CA GLY F 192 -13.51 -9.36 8.93
C GLY F 192 -14.46 -9.96 7.91
N GLY F 193 -14.12 -9.89 6.63
CA GLY F 193 -15.01 -10.34 5.59
C GLY F 193 -15.06 -11.85 5.50
N PRO F 194 -16.04 -12.34 4.75
CA PRO F 194 -16.28 -13.79 4.68
C PRO F 194 -15.36 -14.51 3.70
N LEU F 195 -15.10 -15.77 4.04
CA LEU F 195 -14.56 -16.76 3.11
C LEU F 195 -15.52 -17.94 3.11
N VAL F 196 -16.27 -18.09 2.01
CA VAL F 196 -17.30 -19.11 1.89
C VAL F 196 -16.85 -20.15 0.87
N CYS F 197 -16.92 -21.41 1.26
CA CYS F 197 -16.55 -22.53 0.40
C CYS F 197 -17.78 -23.36 0.07
N LEU F 206 -23.62 -23.08 0.82
CA LEU F 206 -22.35 -22.48 1.21
C LEU F 206 -22.23 -22.42 2.74
N THR F 207 -20.99 -22.46 3.21
CA THR F 207 -20.68 -22.33 4.63
C THR F 207 -19.57 -21.32 4.82
N LEU F 208 -19.57 -20.67 5.98
CA LEU F 208 -18.52 -19.73 6.33
C LEU F 208 -17.30 -20.51 6.80
N GLN F 209 -16.21 -20.43 6.05
CA GLN F 209 -15.01 -21.17 6.37
C GLN F 209 -13.84 -20.30 6.84
N GLY F 210 -13.95 -18.99 6.70
CA GLY F 210 -12.84 -18.14 7.10
C GLY F 210 -13.28 -16.71 7.34
N ILE F 211 -12.48 -16.00 8.14
CA ILE F 211 -12.62 -14.57 8.36
C ILE F 211 -11.32 -13.92 7.91
N ILE F 212 -11.43 -12.91 7.05
CA ILE F 212 -10.24 -12.22 6.56
C ILE F 212 -9.52 -11.58 7.73
N SER F 213 -8.32 -12.07 8.02
CA SER F 213 -7.61 -11.71 9.24
C SER F 213 -6.36 -10.88 8.99
N TRP F 214 -5.39 -11.39 8.23
CA TRP F 214 -4.16 -10.64 8.03
C TRP F 214 -3.42 -11.20 6.82
N GLY F 215 -2.47 -10.42 6.32
CA GLY F 215 -1.66 -10.82 5.20
C GLY F 215 -0.49 -9.90 4.96
N SER F 216 0.67 -10.46 4.61
CA SER F 216 1.87 -9.67 4.33
C SER F 216 1.89 -9.33 2.85
N GLY F 217 1.34 -8.16 2.53
CA GLY F 217 1.17 -7.76 1.14
C GLY F 217 -0.19 -8.18 0.60
N CYS F 218 -0.48 -7.69 -0.60
CA CYS F 218 -1.72 -8.01 -1.30
C CYS F 218 -1.34 -8.69 -2.62
N GLY F 219 -1.61 -9.98 -2.72
CA GLY F 219 -1.31 -10.72 -3.93
C GLY F 219 0.17 -10.87 -4.24
N ASP F 220 1.00 -11.11 -3.22
CA ASP F 220 2.41 -11.38 -3.43
C ASP F 220 2.64 -12.86 -3.70
N ARG F 221 3.77 -13.15 -4.35
CA ARG F 221 4.17 -14.53 -4.58
C ARG F 221 4.57 -15.16 -3.26
N ASN F 222 4.05 -16.36 -2.99
CA ASN F 222 4.32 -17.13 -1.78
C ASN F 222 3.81 -16.42 -0.53
N LYS F 223 2.87 -15.49 -0.66
CA LYS F 223 2.26 -14.81 0.49
C LYS F 223 0.75 -14.74 0.30
N PRO F 224 0.06 -15.86 0.45
CA PRO F 224 -1.40 -15.84 0.39
C PRO F 224 -2.00 -15.29 1.67
N GLY F 225 -3.25 -14.85 1.56
CA GLY F 225 -3.94 -14.28 2.69
C GLY F 225 -4.22 -15.31 3.77
N VAL F 226 -4.24 -14.84 5.01
CA VAL F 226 -4.47 -15.68 6.19
C VAL F 226 -5.85 -15.37 6.74
N TYR F 227 -6.58 -16.41 7.13
CA TYR F 227 -7.94 -16.31 7.60
C TYR F 227 -8.06 -16.89 9.00
N THR F 228 -9.24 -16.77 9.58
CA THR F 228 -9.59 -17.42 10.84
C THR F 228 -10.39 -18.67 10.52
N ASP F 229 -9.89 -19.83 10.96
CA ASP F 229 -10.56 -21.09 10.70
C ASP F 229 -11.86 -21.14 11.51
N VAL F 230 -12.99 -20.95 10.83
CA VAL F 230 -14.26 -20.84 11.53
C VAL F 230 -14.62 -22.17 12.20
N ALA F 231 -14.27 -23.29 11.58
CA ALA F 231 -14.51 -24.59 12.18
C ALA F 231 -13.69 -24.81 13.45
N TYR F 232 -12.57 -24.12 13.60
CA TYR F 232 -11.77 -24.23 14.82
C TYR F 232 -12.46 -23.61 16.02
N TYR F 233 -13.38 -22.67 15.80
CA TYR F 233 -14.03 -21.92 16.88
C TYR F 233 -15.53 -22.16 16.90
N LEU F 234 -15.97 -23.31 16.41
CA LEU F 234 -17.41 -23.59 16.34
C LEU F 234 -18.03 -23.61 17.74
N ALA F 235 -17.37 -24.24 18.70
CA ALA F 235 -17.90 -24.32 20.06
C ALA F 235 -17.99 -22.95 20.71
N TRP F 236 -16.98 -22.11 20.49
CA TRP F 236 -17.00 -20.75 21.03
C TRP F 236 -18.18 -19.96 20.47
N ILE F 237 -18.41 -20.06 19.16
CA ILE F 237 -19.52 -19.34 18.54
C ILE F 237 -20.86 -19.86 19.07
N ARG F 238 -21.00 -21.19 19.17
CA ARG F 238 -22.25 -21.75 19.68
C ARG F 238 -22.50 -21.33 21.12
N GLU F 239 -21.44 -21.29 21.93
CA GLU F 239 -21.59 -20.93 23.33
C GLU F 239 -21.94 -19.45 23.49
N HIS F 240 -21.35 -18.58 22.69
CA HIS F 240 -21.50 -17.14 22.87
C HIS F 240 -22.54 -16.53 21.94
N THR F 241 -23.24 -17.32 21.14
CA THR F 241 -24.41 -16.85 20.41
C THR F 241 -25.72 -17.33 21.00
N VAL F 242 -25.68 -18.07 22.12
CA VAL F 242 -26.92 -18.46 22.78
C VAL F 242 -27.53 -17.26 23.51
#